data_4KZ4
#
_entry.id   4KZ4
#
_cell.length_a   118.570
_cell.length_b   76.630
_cell.length_c   98.100
_cell.angle_alpha   90.000
_cell.angle_beta   116.160
_cell.angle_gamma   90.000
#
_symmetry.space_group_name_H-M   'C 1 2 1'
#
loop_
_entity.id
_entity.type
_entity.pdbx_description
1 polymer Beta-lactamase
2 non-polymer 'PHOSPHATE ION'
3 non-polymer '2-[(propylsulfonyl)amino]benzoic acid'
4 water water
#
_entity_poly.entity_id   1
_entity_poly.type   'polypeptide(L)'
_entity_poly.pdbx_seq_one_letter_code
;APQQINDIVHRTITPLIEQQKIPGMAVAVIYQGKPYYFTWGYADIAKKQPVTQQTLFELGSVSKTFTGVLGGDAIARGEI
KLSDPTTKYWPELTAKQWNGITLLHLATYTAGGLPLQVPDEVKSSSDLLRFYQNWQPAWAPGTQRLYANSSIGLFGALAV
KPSGLSFEQAMQTRVFQPLKLNHTWINVPPAEEKNYAWGYREGKAVHVSPGALDAEAYGVKSTIEDMARWVQSNLKPLDI
NEKTLQQGIQLAQSRYWQTGDMYQGLGWEMLDWPVNPDSIINGSDNKIALAARPVKAITPPTPAVRASWVHKTGATGGFG
SYVAFIPEKELGIVMLANKNYPNPARVDAAWQILNALQ
;
_entity_poly.pdbx_strand_id   A,B
#
loop_
_chem_comp.id
_chem_comp.type
_chem_comp.name
_chem_comp.formula
4A1 non-polymer '2-[(propylsulfonyl)amino]benzoic acid' 'C10 H13 N O4 S'
PO4 non-polymer 'PHOSPHATE ION' 'O4 P -3'
#
# COMPACT_ATOMS: atom_id res chain seq x y z
N ALA A 1 -22.91 29.96 1.35
CA ALA A 1 -22.77 28.74 2.13
C ALA A 1 -24.00 28.49 2.99
N PRO A 2 -24.22 27.22 3.36
CA PRO A 2 -25.22 26.92 4.40
C PRO A 2 -24.90 27.75 5.63
N GLN A 3 -25.93 28.23 6.31
CA GLN A 3 -25.73 29.13 7.43
C GLN A 3 -24.87 28.53 8.56
N GLN A 4 -24.97 27.23 8.78
CA GLN A 4 -24.18 26.59 9.83
C GLN A 4 -22.69 26.75 9.55
N ILE A 5 -22.31 26.58 8.27
CA ILE A 5 -20.90 26.66 7.91
C ILE A 5 -20.46 28.11 8.04
N ASN A 6 -21.28 29.02 7.51
CA ASN A 6 -21.00 30.44 7.63
C ASN A 6 -20.74 30.83 9.09
N ASP A 7 -21.66 30.41 9.96
CA ASP A 7 -21.59 30.86 11.34
C ASP A 7 -20.39 30.27 12.09
N ILE A 8 -20.12 28.96 11.95
CA ILE A 8 -19.00 28.41 12.71
C ILE A 8 -17.66 28.94 12.19
N VAL A 9 -17.57 29.17 10.87
CA VAL A 9 -16.33 29.71 10.32
C VAL A 9 -16.14 31.15 10.80
N HIS A 10 -17.17 31.97 10.63
CA HIS A 10 -17.02 33.38 11.01
C HIS A 10 -16.81 33.56 12.51
N ARG A 11 -17.54 32.81 13.33
CA ARG A 11 -17.40 33.00 14.77
CA ARG A 11 -17.41 32.94 14.78
C ARG A 11 -16.07 32.46 15.31
N THR A 12 -15.39 31.61 14.52
CA THR A 12 -14.12 31.08 14.93
C THR A 12 -13.00 31.97 14.37
N ILE A 13 -13.13 32.37 13.11
CA ILE A 13 -12.04 33.05 12.43
C ILE A 13 -11.95 34.54 12.75
N THR A 14 -13.10 35.20 12.90
CA THR A 14 -13.07 36.61 13.25
C THR A 14 -12.25 36.91 14.52
N PRO A 15 -12.50 36.19 15.63
CA PRO A 15 -11.67 36.47 16.81
C PRO A 15 -10.21 36.09 16.60
N LEU A 16 -9.96 35.05 15.80
CA LEU A 16 -8.59 34.60 15.56
C LEU A 16 -7.81 35.71 14.88
N ILE A 17 -8.41 36.31 13.86
CA ILE A 17 -7.78 37.39 13.11
C ILE A 17 -7.47 38.59 14.01
N GLU A 18 -8.41 38.92 14.90
CA GLU A 18 -8.23 40.04 15.82
C GLU A 18 -7.13 39.74 16.83
N GLN A 19 -7.18 38.54 17.41
CA GLN A 19 -6.23 38.17 18.46
C GLN A 19 -4.81 38.12 17.92
N GLN A 20 -4.67 37.60 16.69
CA GLN A 20 -3.36 37.34 16.12
C GLN A 20 -2.85 38.48 15.22
N LYS A 21 -3.69 39.51 15.01
CA LYS A 21 -3.35 40.63 14.13
C LYS A 21 -2.95 40.14 12.74
N ILE A 22 -3.79 39.28 12.16
CA ILE A 22 -3.50 38.73 10.85
C ILE A 22 -4.00 39.69 9.77
N PRO A 23 -3.11 40.14 8.88
CA PRO A 23 -3.50 41.14 7.88
C PRO A 23 -4.52 40.61 6.86
N GLY A 24 -4.35 39.35 6.44
CA GLY A 24 -5.18 38.77 5.41
C GLY A 24 -5.30 37.27 5.60
N MET A 25 -6.48 36.73 5.31
CA MET A 25 -6.70 35.31 5.53
C MET A 25 -7.71 34.75 4.54
N ALA A 26 -7.48 33.51 4.10
CA ALA A 26 -8.45 32.79 3.31
C ALA A 26 -8.69 31.44 3.93
N VAL A 27 -9.96 31.04 3.98
CA VAL A 27 -10.32 29.74 4.51
C VAL A 27 -11.20 28.99 3.51
N ALA A 28 -10.97 27.69 3.36
CA ALA A 28 -11.89 26.83 2.63
C ALA A 28 -12.34 25.74 3.58
N VAL A 29 -13.64 25.50 3.62
CA VAL A 29 -14.17 24.32 4.29
C VAL A 29 -14.69 23.37 3.23
N ILE A 30 -14.27 22.11 3.30
CA ILE A 30 -14.81 21.08 2.43
C ILE A 30 -15.82 20.29 3.26
N TYR A 31 -17.07 20.30 2.82
CA TYR A 31 -18.17 19.72 3.59
C TYR A 31 -18.94 18.85 2.64
N GLN A 32 -19.06 17.57 3.00
CA GLN A 32 -19.64 16.57 2.11
C GLN A 32 -19.01 16.68 0.72
N GLY A 33 -17.69 16.84 0.69
CA GLY A 33 -16.98 16.93 -0.57
C GLY A 33 -16.97 18.27 -1.31
N LYS A 34 -17.82 19.23 -0.93
CA LYS A 34 -17.92 20.50 -1.66
C LYS A 34 -17.19 21.63 -0.91
N PRO A 35 -16.55 22.54 -1.66
CA PRO A 35 -15.82 23.64 -1.02
C PRO A 35 -16.67 24.89 -0.79
N TYR A 36 -16.43 25.51 0.35
CA TYR A 36 -17.02 26.80 0.67
C TYR A 36 -15.90 27.73 1.10
N TYR A 37 -15.85 28.93 0.52
CA TYR A 37 -14.73 29.84 0.70
C TYR A 37 -15.08 31.09 1.50
N PHE A 38 -14.09 31.57 2.22
CA PHE A 38 -14.20 32.75 3.06
C PHE A 38 -12.90 33.54 2.97
N THR A 39 -12.99 34.87 2.88
CA THR A 39 -11.79 35.68 2.82
C THR A 39 -11.94 36.94 3.66
N TRP A 40 -10.81 37.42 4.16
CA TRP A 40 -10.75 38.59 5.02
C TRP A 40 -9.49 39.40 4.74
N GLY A 41 -9.59 40.73 4.85
CA GLY A 41 -8.40 41.54 4.95
C GLY A 41 -7.59 41.69 3.68
N TYR A 42 -6.29 41.85 3.86
CA TYR A 42 -5.40 42.38 2.83
C TYR A 42 -4.28 41.44 2.44
N ALA A 43 -4.15 41.24 1.12
CA ALA A 43 -3.00 40.57 0.52
C ALA A 43 -1.78 41.48 0.49
N ASP A 44 -2.03 42.77 0.33
CA ASP A 44 -0.98 43.78 0.27
C ASP A 44 -1.54 45.01 0.96
N ILE A 45 -1.02 45.33 2.13
CA ILE A 45 -1.53 46.46 2.90
C ILE A 45 -1.26 47.79 2.21
N ALA A 46 -0.01 47.99 1.77
CA ALA A 46 0.39 49.25 1.17
C ALA A 46 -0.43 49.61 -0.08
N LYS A 47 -0.73 48.61 -0.91
CA LYS A 47 -1.46 48.83 -2.15
C LYS A 47 -2.95 48.55 -1.99
N LYS A 48 -3.37 48.28 -0.76
CA LYS A 48 -4.79 48.09 -0.43
C LYS A 48 -5.47 46.98 -1.24
N GLN A 49 -4.71 45.92 -1.55
CA GLN A 49 -5.24 44.80 -2.33
C GLN A 49 -5.87 43.80 -1.35
N PRO A 50 -7.15 43.47 -1.55
CA PRO A 50 -7.80 42.52 -0.65
C PRO A 50 -7.37 41.08 -0.93
N VAL A 51 -7.47 40.22 0.08
CA VAL A 51 -7.44 38.77 -0.15
C VAL A 51 -8.68 38.36 -0.94
N THR A 52 -8.46 37.58 -1.98
CA THR A 52 -9.52 37.00 -2.78
C THR A 52 -9.29 35.51 -2.91
N GLN A 53 -10.18 34.84 -3.63
CA GLN A 53 -10.03 33.40 -3.87
C GLN A 53 -8.90 33.09 -4.83
N GLN A 54 -8.34 34.13 -5.43
CA GLN A 54 -7.24 34.02 -6.37
CA GLN A 54 -7.22 33.98 -6.36
C GLN A 54 -5.89 34.42 -5.76
N THR A 55 -5.92 34.88 -4.50
CA THR A 55 -4.66 35.29 -3.85
C THR A 55 -3.74 34.11 -3.62
N LEU A 56 -2.46 34.28 -3.96
CA LEU A 56 -1.44 33.25 -3.69
C LEU A 56 -0.81 33.46 -2.33
N PHE A 57 -0.74 32.39 -1.55
CA PHE A 57 -0.07 32.43 -0.25
C PHE A 57 1.12 31.46 -0.28
N GLU A 58 2.17 31.78 0.46
CA GLU A 58 3.28 30.83 0.65
C GLU A 58 2.84 29.72 1.60
N LEU A 59 2.94 28.47 1.14
CA LEU A 59 2.51 27.32 1.95
C LEU A 59 3.53 26.90 3.00
N GLY A 60 4.79 27.28 2.82
CA GLY A 60 5.82 26.82 3.74
C GLY A 60 5.82 25.32 3.79
N SER A 61 5.90 24.75 5.00
CA SER A 61 6.01 23.30 5.12
C SER A 61 4.79 22.51 4.65
N VAL A 62 3.65 23.15 4.40
CA VAL A 62 2.56 22.41 3.77
C VAL A 62 2.99 21.90 2.38
N SER A 63 4.00 22.53 1.80
CA SER A 63 4.61 22.06 0.55
C SER A 63 5.05 20.60 0.65
N LYS A 64 5.43 20.16 1.85
CA LYS A 64 5.93 18.77 2.02
C LYS A 64 4.87 17.74 1.67
N THR A 65 3.60 18.12 1.75
CA THR A 65 2.54 17.19 1.35
C THR A 65 2.57 16.96 -0.17
N PHE A 66 2.89 17.99 -0.95
CA PHE A 66 3.05 17.82 -2.40
C PHE A 66 4.29 16.96 -2.67
N THR A 67 5.40 17.24 -1.98
CA THR A 67 6.62 16.42 -2.10
C THR A 67 6.33 14.94 -1.81
N GLY A 68 5.58 14.69 -0.74
CA GLY A 68 5.30 13.33 -0.33
C GLY A 68 4.48 12.61 -1.38
N VAL A 69 3.45 13.28 -1.90
CA VAL A 69 2.62 12.70 -2.96
C VAL A 69 3.39 12.50 -4.27
N LEU A 70 4.22 13.46 -4.64
CA LEU A 70 5.09 13.29 -5.81
C LEU A 70 6.00 12.08 -5.67
N GLY A 71 6.56 11.90 -4.47
CA GLY A 71 7.36 10.74 -4.19
C GLY A 71 6.54 9.47 -4.27
N GLY A 72 5.35 9.48 -3.67
CA GLY A 72 4.43 8.35 -3.79
C GLY A 72 4.12 8.00 -5.23
N ASP A 73 3.91 9.01 -6.07
CA ASP A 73 3.64 8.81 -7.49
C ASP A 73 4.86 8.13 -8.19
N ALA A 74 6.06 8.53 -7.81
CA ALA A 74 7.28 7.96 -8.35
C ALA A 74 7.45 6.48 -7.94
N ILE A 75 7.04 6.15 -6.72
CA ILE A 75 7.01 4.76 -6.28
C ILE A 75 6.00 3.98 -7.14
N ALA A 76 4.80 4.54 -7.31
CA ALA A 76 3.76 3.90 -8.11
C ALA A 76 4.19 3.68 -9.56
N ARG A 77 5.02 4.59 -10.08
CA ARG A 77 5.58 4.47 -11.42
C ARG A 77 6.66 3.42 -11.53
N GLY A 78 7.12 2.91 -10.39
CA GLY A 78 8.23 1.96 -10.35
C GLY A 78 9.60 2.59 -10.54
N GLU A 79 9.67 3.91 -10.36
CA GLU A 79 10.92 4.64 -10.54
C GLU A 79 11.81 4.57 -9.29
N ILE A 80 11.18 4.55 -8.12
CA ILE A 80 11.91 4.44 -6.86
C ILE A 80 11.21 3.48 -5.92
N LYS A 81 11.92 3.05 -4.89
CA LYS A 81 11.31 2.31 -3.78
C LYS A 81 11.74 2.97 -2.47
N LEU A 82 10.83 3.06 -1.50
CA LEU A 82 11.19 3.65 -0.20
C LEU A 82 12.24 2.82 0.54
N SER A 83 12.33 1.55 0.19
CA SER A 83 13.33 0.67 0.79
C SER A 83 14.71 0.82 0.14
N ASP A 84 14.81 1.58 -0.95
CA ASP A 84 16.10 1.81 -1.64
C ASP A 84 17.04 2.60 -0.72
N PRO A 85 18.33 2.25 -0.72
CA PRO A 85 19.34 3.07 -0.05
C PRO A 85 19.42 4.43 -0.73
N THR A 86 19.65 5.48 0.04
CA THR A 86 19.86 6.81 -0.51
C THR A 86 20.96 6.80 -1.59
N THR A 87 22.02 6.04 -1.33
CA THR A 87 23.17 6.00 -2.23
C THR A 87 22.86 5.45 -3.63
N LYS A 88 21.76 4.72 -3.77
CA LYS A 88 21.37 4.24 -5.09
C LYS A 88 21.12 5.41 -6.04
N TYR A 89 20.56 6.49 -5.50
CA TYR A 89 20.21 7.66 -6.31
C TYR A 89 21.24 8.77 -6.24
N TRP A 90 22.15 8.68 -5.27
CA TRP A 90 23.23 9.65 -5.14
C TRP A 90 24.49 8.86 -4.81
N PRO A 91 25.09 8.22 -5.82
CA PRO A 91 26.27 7.37 -5.64
C PRO A 91 27.47 8.10 -5.02
N GLU A 92 27.55 9.41 -5.25
CA GLU A 92 28.64 10.23 -4.72
C GLU A 92 28.58 10.35 -3.19
N LEU A 93 27.45 9.97 -2.61
CA LEU A 93 27.31 9.92 -1.18
C LEU A 93 28.01 8.68 -0.63
N THR A 94 29.34 8.74 -0.59
CA THR A 94 30.12 7.55 -0.28
C THR A 94 30.45 7.40 1.20
N ALA A 95 30.18 8.43 2.00
CA ALA A 95 30.58 8.37 3.40
C ALA A 95 29.79 7.28 4.15
N LYS A 96 30.47 6.62 5.09
CA LYS A 96 30.00 5.38 5.70
C LYS A 96 28.71 5.52 6.52
N GLN A 97 28.41 6.73 6.98
CA GLN A 97 27.22 6.96 7.78
C GLN A 97 25.96 6.78 6.94
N TRP A 98 26.10 6.79 5.61
CA TRP A 98 24.94 6.69 4.75
C TRP A 98 24.48 5.26 4.55
N ASN A 99 25.35 4.32 4.91
CA ASN A 99 25.00 2.91 4.89
C ASN A 99 23.78 2.63 5.77
N GLY A 100 22.70 2.18 5.15
CA GLY A 100 21.49 1.86 5.88
C GLY A 100 20.48 2.99 5.99
N ILE A 101 20.79 4.16 5.43
CA ILE A 101 19.79 5.26 5.34
C ILE A 101 19.02 5.13 4.04
N THR A 102 17.73 4.86 4.14
CA THR A 102 16.89 4.65 2.97
C THR A 102 16.08 5.89 2.60
N LEU A 103 15.45 5.85 1.43
CA LEU A 103 14.55 6.94 1.04
C LEU A 103 13.44 7.10 2.07
N LEU A 104 12.95 6.01 2.65
CA LEU A 104 11.93 6.11 3.70
C LEU A 104 12.43 7.00 4.85
N HIS A 105 13.65 6.76 5.30
CA HIS A 105 14.21 7.56 6.40
C HIS A 105 14.24 9.04 6.03
N LEU A 106 14.66 9.36 4.81
CA LEU A 106 14.70 10.75 4.38
C LEU A 106 13.29 11.36 4.37
N ALA A 107 12.34 10.63 3.80
CA ALA A 107 10.98 11.14 3.65
C ALA A 107 10.29 11.42 4.99
N THR A 108 10.71 10.70 6.05
CA THR A 108 9.99 10.68 7.32
C THR A 108 10.80 11.22 8.48
N TYR A 109 11.93 11.86 8.19
CA TYR A 109 12.77 12.57 9.19
C TYR A 109 13.43 11.60 10.17
N THR A 110 13.65 10.36 9.73
CA THR A 110 14.16 9.34 10.63
C THR A 110 15.57 8.88 10.24
N ALA A 111 16.28 9.68 9.47
CA ALA A 111 17.62 9.27 9.01
C ALA A 111 18.67 9.27 10.12
N GLY A 112 18.39 9.92 11.24
CA GLY A 112 19.32 9.91 12.35
C GLY A 112 19.78 11.29 12.78
N GLY A 113 18.93 12.30 12.57
CA GLY A 113 19.26 13.64 12.99
C GLY A 113 19.77 14.61 11.93
N LEU A 114 19.33 14.46 10.69
CA LEU A 114 19.54 15.51 9.70
C LEU A 114 18.92 16.81 10.23
N PRO A 115 19.55 17.97 9.97
CA PRO A 115 19.14 19.20 10.64
C PRO A 115 17.89 19.85 10.05
N LEU A 116 17.22 20.65 10.88
CA LEU A 116 15.98 21.30 10.47
C LEU A 116 16.14 22.05 9.15
N GLN A 117 17.22 22.81 9.03
CA GLN A 117 17.50 23.59 7.82
C GLN A 117 18.81 23.19 7.18
N VAL A 118 18.84 23.23 5.84
CA VAL A 118 20.09 23.18 5.15
C VAL A 118 20.77 24.52 5.48
N PRO A 119 22.07 24.48 5.83
CA PRO A 119 22.72 25.75 6.20
C PRO A 119 22.62 26.77 5.06
N ASP A 120 22.42 28.04 5.41
CA ASP A 120 22.25 29.08 4.40
C ASP A 120 23.54 29.26 3.63
N GLU A 121 24.64 28.85 4.25
CA GLU A 121 25.96 28.89 3.64
C GLU A 121 26.10 27.93 2.46
N VAL A 122 25.23 26.92 2.41
CA VAL A 122 25.19 26.02 1.25
C VAL A 122 24.54 26.75 0.09
N LYS A 123 25.36 27.14 -0.89
CA LYS A 123 24.90 28.02 -1.96
C LYS A 123 25.11 27.41 -3.34
N SER A 124 25.74 26.24 -3.38
CA SER A 124 26.02 25.58 -4.65
C SER A 124 25.78 24.10 -4.51
N SER A 125 25.73 23.40 -5.63
CA SER A 125 25.53 21.97 -5.60
C SER A 125 26.71 21.24 -4.94
N SER A 126 27.92 21.71 -5.19
CA SER A 126 29.06 21.05 -4.55
C SER A 126 29.03 21.30 -3.03
N ASP A 127 28.48 22.43 -2.61
CA ASP A 127 28.32 22.70 -1.18
C ASP A 127 27.36 21.67 -0.58
N LEU A 128 26.30 21.36 -1.32
CA LEU A 128 25.28 20.47 -0.82
C LEU A 128 25.81 19.04 -0.66
N LEU A 129 26.64 18.61 -1.61
CA LEU A 129 27.27 17.30 -1.49
C LEU A 129 28.16 17.27 -0.26
N ARG A 130 28.99 18.29 -0.08
CA ARG A 130 29.86 18.38 1.11
CA ARG A 130 29.86 18.35 1.10
C ARG A 130 29.05 18.30 2.39
N PHE A 131 27.98 19.08 2.42
CA PHE A 131 27.11 19.11 3.61
C PHE A 131 26.61 17.69 4.00
N TYR A 132 26.10 16.94 3.04
CA TYR A 132 25.56 15.61 3.37
C TYR A 132 26.67 14.60 3.64
N GLN A 133 27.77 14.71 2.90
CA GLN A 133 28.92 13.84 3.13
C GLN A 133 29.49 14.01 4.55
N ASN A 134 29.49 15.24 5.03
CA ASN A 134 30.14 15.58 6.29
C ASN A 134 29.24 15.50 7.50
N TRP A 135 27.93 15.42 7.25
CA TRP A 135 26.95 15.32 8.30
C TRP A 135 27.14 14.05 9.13
N GLN A 136 27.17 14.22 10.46
CA GLN A 136 27.30 13.08 11.37
C GLN A 136 25.99 12.82 12.11
N PRO A 137 25.36 11.67 11.85
CA PRO A 137 24.13 11.32 12.56
C PRO A 137 24.36 11.16 14.05
N ALA A 138 23.40 11.66 14.80
CA ALA A 138 23.37 11.49 16.23
C ALA A 138 22.89 10.11 16.59
N TRP A 139 22.07 9.54 15.71
CA TRP A 139 21.35 8.30 16.02
C TRP A 139 21.39 7.33 14.85
N ALA A 140 21.22 6.05 15.16
CA ALA A 140 21.05 5.03 14.13
C ALA A 140 19.81 5.33 13.28
N PRO A 141 19.80 4.91 12.02
CA PRO A 141 18.60 5.13 11.20
C PRO A 141 17.38 4.45 11.78
N GLY A 142 16.22 5.08 11.61
CA GLY A 142 14.96 4.48 12.00
C GLY A 142 14.73 4.36 13.49
N THR A 143 15.33 5.27 14.27
CA THR A 143 15.15 5.24 15.73
C THR A 143 14.53 6.52 16.31
N GLN A 144 14.85 7.67 15.72
CA GLN A 144 14.30 8.94 16.20
C GLN A 144 13.85 9.83 15.04
N ARG A 145 12.76 10.56 15.28
CA ARG A 145 12.23 11.52 14.35
C ARG A 145 12.69 12.91 14.77
N LEU A 146 13.26 13.64 13.81
CA LEU A 146 13.61 15.05 14.03
C LEU A 146 13.20 15.77 12.75
N TYR A 147 12.13 16.55 12.85
CA TYR A 147 11.60 17.29 11.70
C TYR A 147 12.71 18.05 11.00
N ALA A 148 12.82 17.86 9.69
CA ALA A 148 13.97 18.39 8.95
C ALA A 148 13.70 18.64 7.48
N ASN A 149 13.89 19.89 7.05
CA ASN A 149 13.82 20.23 5.64
C ASN A 149 14.96 19.56 4.88
N SER A 150 16.10 19.36 5.54
CA SER A 150 17.24 18.74 4.85
C SER A 150 16.99 17.25 4.58
N SER A 151 16.00 16.70 5.27
CA SER A 151 15.67 15.28 5.14
C SER A 151 14.65 15.11 4.01
N ILE A 152 13.45 15.65 4.18
CA ILE A 152 12.44 15.49 3.14
C ILE A 152 12.80 16.24 1.85
N GLY A 153 13.58 17.31 1.99
CA GLY A 153 14.06 18.03 0.81
C GLY A 153 14.93 17.14 -0.08
N LEU A 154 15.85 16.41 0.54
CA LEU A 154 16.70 15.50 -0.20
C LEU A 154 15.87 14.36 -0.80
N PHE A 155 14.90 13.86 -0.03
CA PHE A 155 13.98 12.84 -0.55
C PHE A 155 13.34 13.33 -1.86
N GLY A 156 12.80 14.56 -1.85
CA GLY A 156 12.13 15.09 -3.05
C GLY A 156 13.08 15.17 -4.23
N ALA A 157 14.30 15.63 -3.98
CA ALA A 157 15.28 15.77 -5.08
C ALA A 157 15.66 14.40 -5.66
N LEU A 158 15.85 13.40 -4.80
CA LEU A 158 16.23 12.07 -5.27
C LEU A 158 15.05 11.35 -5.91
N ALA A 159 13.83 11.59 -5.41
CA ALA A 159 12.65 10.88 -5.92
C ALA A 159 12.42 11.12 -7.40
N VAL A 160 12.79 12.31 -7.88
CA VAL A 160 12.57 12.65 -9.28
C VAL A 160 13.76 12.35 -10.19
N LYS A 161 14.85 11.84 -9.63
CA LYS A 161 16.06 11.60 -10.43
C LYS A 161 15.82 10.64 -11.60
N PRO A 162 15.19 9.46 -11.35
CA PRO A 162 15.02 8.54 -12.47
C PRO A 162 14.21 9.10 -13.62
N SER A 163 13.27 9.99 -13.32
CA SER A 163 12.43 10.57 -14.36
C SER A 163 13.23 11.46 -15.30
N GLY A 164 14.36 11.97 -14.83
CA GLY A 164 15.14 12.94 -15.60
C GLY A 164 14.58 14.35 -15.62
N LEU A 165 13.42 14.54 -14.97
CA LEU A 165 12.80 15.85 -14.91
C LEU A 165 13.35 16.64 -13.75
N SER A 166 13.32 17.96 -13.86
CA SER A 166 13.60 18.78 -12.67
C SER A 166 12.48 18.54 -11.67
N PHE A 167 12.76 18.82 -10.42
CA PHE A 167 11.71 18.67 -9.42
C PHE A 167 10.47 19.46 -9.80
N GLU A 168 10.67 20.69 -10.24
CA GLU A 168 9.54 21.57 -10.59
C GLU A 168 8.77 21.01 -11.79
N GLN A 169 9.49 20.58 -12.83
CA GLN A 169 8.83 19.98 -13.97
C GLN A 169 8.03 18.72 -13.61
N ALA A 170 8.60 17.86 -12.76
CA ALA A 170 7.89 16.67 -12.30
C ALA A 170 6.66 17.06 -11.50
N MET A 171 6.79 18.02 -10.58
CA MET A 171 5.64 18.40 -9.76
C MET A 171 4.52 18.96 -10.65
N GLN A 172 4.88 19.82 -11.60
CA GLN A 172 3.88 20.42 -12.48
C GLN A 172 3.19 19.35 -13.33
N THR A 173 3.97 18.50 -13.97
CA THR A 173 3.37 17.57 -14.93
C THR A 173 2.66 16.39 -14.27
N ARG A 174 3.15 15.96 -13.10
CA ARG A 174 2.67 14.74 -12.47
C ARG A 174 1.67 14.97 -11.34
N VAL A 175 1.65 16.18 -10.76
CA VAL A 175 0.74 16.46 -9.66
C VAL A 175 -0.16 17.67 -9.97
N PHE A 176 0.44 18.83 -10.24
CA PHE A 176 -0.37 20.05 -10.41
C PHE A 176 -1.34 19.92 -11.60
N GLN A 177 -0.81 19.56 -12.76
CA GLN A 177 -1.63 19.51 -13.97
C GLN A 177 -2.76 18.49 -13.92
N PRO A 178 -2.47 17.22 -13.55
CA PRO A 178 -3.56 16.24 -13.48
C PRO A 178 -4.68 16.65 -12.52
N LEU A 179 -4.34 17.31 -11.42
CA LEU A 179 -5.33 17.71 -10.42
C LEU A 179 -5.95 19.07 -10.71
N LYS A 180 -5.57 19.69 -11.83
CA LYS A 180 -6.09 21.00 -12.24
C LYS A 180 -5.77 22.10 -11.23
N LEU A 181 -4.59 22.00 -10.64
CA LEU A 181 -4.10 23.04 -9.75
C LEU A 181 -3.34 24.03 -10.64
N ASN A 182 -4.11 24.87 -11.32
CA ASN A 182 -3.54 25.76 -12.33
C ASN A 182 -3.09 27.10 -11.79
N HIS A 183 -3.24 27.29 -10.47
CA HIS A 183 -2.75 28.49 -9.80
C HIS A 183 -1.92 28.09 -8.59
N THR A 184 -1.14 27.04 -8.78
CA THR A 184 -0.21 26.55 -7.77
C THR A 184 1.18 26.51 -8.40
N TRP A 185 2.17 27.04 -7.67
CA TRP A 185 3.48 27.34 -8.29
C TRP A 185 4.62 27.07 -7.34
N ILE A 186 5.73 26.59 -7.89
CA ILE A 186 7.01 26.55 -7.20
CA ILE A 186 6.97 26.57 -7.14
C ILE A 186 7.68 27.91 -7.36
N ASN A 187 7.59 28.46 -8.57
CA ASN A 187 8.09 29.78 -8.85
C ASN A 187 6.91 30.58 -9.40
N VAL A 188 6.57 31.69 -8.74
CA VAL A 188 5.44 32.48 -9.17
C VAL A 188 5.77 33.18 -10.49
N PRO A 189 4.99 32.89 -11.56
CA PRO A 189 5.25 33.54 -12.86
C PRO A 189 4.90 35.03 -12.82
N PRO A 190 5.56 35.82 -13.67
CA PRO A 190 5.24 37.24 -13.75
C PRO A 190 3.74 37.49 -13.94
N ALA A 191 3.07 36.64 -14.71
CA ALA A 191 1.65 36.84 -14.99
C ALA A 191 0.79 36.78 -13.71
N GLU A 192 1.29 36.11 -12.67
CA GLU A 192 0.50 35.89 -11.47
C GLU A 192 0.94 36.80 -10.30
N GLU A 193 1.95 37.62 -10.51
CA GLU A 193 2.49 38.45 -9.43
C GLU A 193 1.45 39.38 -8.79
N LYS A 194 0.47 39.84 -9.58
CA LYS A 194 -0.60 40.71 -9.08
C LYS A 194 -1.42 40.02 -7.98
N ASN A 195 -1.36 38.68 -7.96
CA ASN A 195 -2.11 37.90 -6.98
C ASN A 195 -1.28 37.39 -5.83
N TYR A 196 0.02 37.62 -5.88
CA TYR A 196 0.91 37.09 -4.85
C TYR A 196 0.88 38.00 -3.63
N ALA A 197 0.24 37.53 -2.56
CA ALA A 197 0.22 38.30 -1.31
C ALA A 197 1.62 38.55 -0.80
N TRP A 198 1.79 39.67 -0.08
CA TRP A 198 2.97 39.83 0.73
C TRP A 198 2.77 39.13 2.06
N GLY A 199 3.83 38.54 2.60
CA GLY A 199 3.80 38.09 3.98
C GLY A 199 4.19 39.24 4.90
N TYR A 200 3.81 39.16 6.16
CA TYR A 200 4.11 40.22 7.11
C TYR A 200 4.79 39.66 8.34
N ARG A 201 5.98 40.16 8.62
CA ARG A 201 6.79 39.73 9.74
C ARG A 201 7.28 40.97 10.45
N GLU A 202 6.86 41.14 11.70
CA GLU A 202 7.17 42.34 12.49
C GLU A 202 6.77 43.60 11.71
N GLY A 203 5.63 43.53 11.03
CA GLY A 203 5.10 44.68 10.31
C GLY A 203 5.70 44.94 8.93
N LYS A 204 6.69 44.16 8.54
CA LYS A 204 7.37 44.38 7.26
C LYS A 204 6.91 43.37 6.21
N ALA A 205 6.74 43.83 4.98
CA ALA A 205 6.32 42.97 3.88
C ALA A 205 7.49 42.12 3.43
N VAL A 206 7.28 40.79 3.38
CA VAL A 206 8.35 39.85 3.05
C VAL A 206 7.86 38.68 2.18
N HIS A 207 8.76 38.19 1.35
CA HIS A 207 8.57 36.94 0.61
C HIS A 207 9.70 35.97 0.96
N VAL A 208 9.41 34.69 0.83
CA VAL A 208 10.40 33.65 1.11
C VAL A 208 11.65 33.86 0.25
N SER A 209 12.83 33.71 0.86
CA SER A 209 14.09 33.83 0.15
C SER A 209 14.49 32.50 -0.49
N PRO A 210 15.23 32.57 -1.61
CA PRO A 210 15.80 31.35 -2.20
C PRO A 210 16.70 30.61 -1.21
N GLY A 211 16.65 29.28 -1.28
CA GLY A 211 17.58 28.48 -0.50
C GLY A 211 17.73 27.09 -1.08
N ALA A 212 18.74 26.37 -0.61
CA ALA A 212 18.95 25.01 -1.06
C ALA A 212 17.74 24.12 -0.74
N LEU A 213 17.32 23.33 -1.73
CA LEU A 213 16.21 22.39 -1.55
C LEU A 213 14.94 23.10 -1.11
N ASP A 214 14.78 24.36 -1.52
CA ASP A 214 13.58 25.10 -1.14
C ASP A 214 12.34 24.57 -1.87
N ALA A 215 12.45 24.27 -3.16
CA ALA A 215 11.27 23.78 -3.89
C ALA A 215 10.73 22.50 -3.23
N GLU A 216 11.65 21.65 -2.80
CA GLU A 216 11.34 20.32 -2.31
C GLU A 216 10.76 20.32 -0.90
N ALA A 217 11.11 21.34 -0.12
CA ALA A 217 10.73 21.31 1.30
C ALA A 217 9.70 22.38 1.66
N TYR A 218 9.73 23.53 1.03
CA TYR A 218 8.85 24.61 1.48
C TYR A 218 8.49 25.62 0.41
N GLY A 219 8.62 25.23 -0.86
CA GLY A 219 8.57 26.20 -1.94
C GLY A 219 7.25 26.43 -2.69
N VAL A 220 6.16 25.83 -2.26
CA VAL A 220 4.92 25.99 -3.02
C VAL A 220 4.10 27.21 -2.59
N LYS A 221 3.51 27.88 -3.57
CA LYS A 221 2.57 28.97 -3.36
C LYS A 221 1.27 28.57 -4.03
N SER A 222 0.13 28.87 -3.40
CA SER A 222 -1.14 28.40 -3.95
C SER A 222 -2.28 29.28 -3.49
N THR A 223 -3.43 29.12 -4.14
CA THR A 223 -4.64 29.85 -3.79
C THR A 223 -5.54 29.00 -2.92
N ILE A 224 -6.55 29.63 -2.32
CA ILE A 224 -7.48 28.87 -1.49
C ILE A 224 -8.30 27.89 -2.33
N GLU A 225 -8.56 28.23 -3.59
CA GLU A 225 -9.31 27.34 -4.48
C GLU A 225 -8.50 26.10 -4.80
N ASP A 226 -7.25 26.29 -5.19
CA ASP A 226 -6.40 25.14 -5.50
C ASP A 226 -6.17 24.30 -4.24
N MET A 227 -6.02 24.95 -3.09
CA MET A 227 -5.79 24.17 -1.88
C MET A 227 -7.02 23.36 -1.47
N ALA A 228 -8.21 23.91 -1.70
CA ALA A 228 -9.44 23.14 -1.46
C ALA A 228 -9.47 21.93 -2.39
N ARG A 229 -9.05 22.12 -3.63
CA ARG A 229 -8.99 21.00 -4.59
C ARG A 229 -7.95 19.97 -4.16
N TRP A 230 -6.83 20.44 -3.62
CA TRP A 230 -5.82 19.53 -3.05
C TRP A 230 -6.41 18.68 -1.94
N VAL A 231 -7.17 19.31 -1.04
CA VAL A 231 -7.82 18.58 0.03
C VAL A 231 -8.83 17.57 -0.53
N GLN A 232 -9.65 17.99 -1.51
CA GLN A 232 -10.60 17.06 -2.12
C GLN A 232 -9.86 15.83 -2.71
N SER A 233 -8.73 16.07 -3.36
CA SER A 233 -7.98 15.01 -4.01
C SER A 233 -7.45 14.04 -2.96
N ASN A 234 -7.01 14.57 -1.83
CA ASN A 234 -6.49 13.74 -0.74
C ASN A 234 -7.59 13.06 0.06
N LEU A 235 -8.80 13.65 0.05
CA LEU A 235 -9.97 13.00 0.67
C LEU A 235 -10.45 11.79 -0.12
N LYS A 236 -10.37 11.88 -1.45
CA LYS A 236 -10.96 10.89 -2.34
C LYS A 236 -10.02 10.53 -3.48
N PRO A 237 -8.91 9.84 -3.16
CA PRO A 237 -7.89 9.57 -4.18
C PRO A 237 -8.40 8.67 -5.31
N LEU A 238 -9.40 7.87 -5.03
CA LEU A 238 -9.85 6.93 -6.04
C LEU A 238 -10.63 7.61 -7.18
N ASP A 239 -11.01 8.87 -6.98
CA ASP A 239 -11.63 9.65 -8.05
C ASP A 239 -10.58 10.16 -9.05
N ILE A 240 -9.31 10.11 -8.67
CA ILE A 240 -8.23 10.59 -9.53
C ILE A 240 -8.00 9.61 -10.66
N ASN A 241 -8.09 10.09 -11.89
CA ASN A 241 -8.03 9.20 -13.05
C ASN A 241 -6.64 8.64 -13.30
N GLU A 242 -5.61 9.41 -12.98
CA GLU A 242 -4.24 8.96 -13.20
C GLU A 242 -3.85 7.96 -12.12
N LYS A 243 -3.70 6.70 -12.51
CA LYS A 243 -3.46 5.59 -11.58
C LYS A 243 -2.29 5.80 -10.63
N THR A 244 -1.14 6.23 -11.14
CA THR A 244 0.02 6.35 -10.26
C THR A 244 -0.15 7.50 -9.26
N LEU A 245 -0.92 8.52 -9.62
CA LEU A 245 -1.16 9.66 -8.73
C LEU A 245 -2.15 9.26 -7.64
N GLN A 246 -3.18 8.53 -8.06
CA GLN A 246 -4.14 7.92 -7.15
C GLN A 246 -3.40 7.10 -6.09
N GLN A 247 -2.43 6.31 -6.54
CA GLN A 247 -1.66 5.46 -5.62
CA GLN A 247 -1.65 5.46 -5.65
C GLN A 247 -0.71 6.30 -4.76
N GLY A 248 -0.12 7.32 -5.35
CA GLY A 248 0.83 8.17 -4.63
C GLY A 248 0.17 8.90 -3.47
N ILE A 249 -1.06 9.35 -3.66
CA ILE A 249 -1.83 9.98 -2.61
CA ILE A 249 -1.79 10.00 -2.58
C ILE A 249 -2.03 9.02 -1.43
N GLN A 250 -2.40 7.78 -1.76
CA GLN A 250 -2.61 6.77 -0.73
C GLN A 250 -1.30 6.47 0.01
N LEU A 251 -0.20 6.35 -0.73
CA LEU A 251 1.10 6.06 -0.10
C LEU A 251 1.50 7.18 0.88
N ALA A 252 1.20 8.43 0.52
CA ALA A 252 1.59 9.55 1.38
C ALA A 252 0.81 9.58 2.70
N GLN A 253 -0.35 8.96 2.71
CA GLN A 253 -1.18 8.90 3.93
C GLN A 253 -1.02 7.59 4.71
N SER A 254 -0.11 6.74 4.27
CA SER A 254 0.14 5.52 5.02
C SER A 254 0.92 5.82 6.27
N ARG A 255 0.81 4.94 7.26
CA ARG A 255 1.43 5.16 8.57
C ARG A 255 2.73 4.38 8.68
N TYR A 256 3.86 5.09 8.67
CA TYR A 256 5.17 4.46 8.67
C TYR A 256 5.82 4.36 10.04
N TRP A 257 5.58 5.36 10.89
CA TRP A 257 6.17 5.45 12.22
C TRP A 257 5.14 6.00 13.15
N GLN A 258 5.26 5.67 14.42
CA GLN A 258 4.40 6.23 15.44
C GLN A 258 5.24 6.88 16.52
N THR A 259 4.86 8.08 16.92
CA THR A 259 5.35 8.66 18.17
C THR A 259 4.18 9.26 18.91
N GLY A 260 3.97 8.80 20.15
CA GLY A 260 2.79 9.20 20.89
C GLY A 260 1.54 8.81 20.13
N ASP A 261 0.64 9.76 19.93
CA ASP A 261 -0.60 9.51 19.21
C ASP A 261 -0.51 9.88 17.73
N MET A 262 0.67 10.30 17.28
CA MET A 262 0.79 10.70 15.88
CA MET A 262 0.87 10.75 15.90
C MET A 262 1.51 9.67 15.03
N TYR A 263 1.08 9.60 13.78
CA TYR A 263 1.67 8.70 12.79
C TYR A 263 2.26 9.56 11.68
N GLN A 264 3.44 9.17 11.23
CA GLN A 264 4.14 9.89 10.18
C GLN A 264 3.89 9.26 8.82
N GLY A 265 3.34 10.06 7.90
CA GLY A 265 3.18 9.68 6.51
C GLY A 265 4.30 10.28 5.66
N LEU A 266 4.07 10.41 4.36
CA LEU A 266 5.04 11.11 3.51
C LEU A 266 4.50 12.53 3.37
N GLY A 267 5.08 13.45 4.14
CA GLY A 267 4.60 14.83 4.19
C GLY A 267 3.44 14.95 5.16
N TRP A 268 2.33 14.27 4.89
CA TRP A 268 1.19 14.28 5.81
C TRP A 268 1.55 13.64 7.16
N GLU A 269 0.88 14.14 8.21
CA GLU A 269 0.88 13.49 9.51
C GLU A 269 -0.55 13.12 9.86
N MET A 270 -0.73 12.10 10.69
CA MET A 270 -2.06 11.57 10.95
C MET A 270 -2.26 11.19 12.40
N LEU A 271 -3.50 11.32 12.85
CA LEU A 271 -3.94 10.76 14.13
C LEU A 271 -5.23 9.98 13.91
N ASP A 272 -5.51 9.01 14.77
CA ASP A 272 -6.80 8.32 14.70
C ASP A 272 -7.93 9.30 15.02
N TRP A 273 -9.02 9.20 14.25
CA TRP A 273 -10.25 9.95 14.53
C TRP A 273 -11.29 9.05 15.20
N PRO A 274 -11.96 9.53 16.26
CA PRO A 274 -11.89 10.88 16.83
C PRO A 274 -10.60 11.14 17.59
N VAL A 275 -10.17 12.39 17.55
CA VAL A 275 -8.93 12.79 18.20
C VAL A 275 -9.23 13.44 19.53
N ASN A 276 -8.29 13.32 20.46
CA ASN A 276 -8.26 14.24 21.59
C ASN A 276 -7.80 15.57 21.02
N PRO A 277 -8.63 16.61 21.12
CA PRO A 277 -8.31 17.92 20.56
C PRO A 277 -7.04 18.47 21.20
N ASP A 278 -6.88 18.23 22.51
CA ASP A 278 -5.67 18.65 23.21
C ASP A 278 -4.43 17.94 22.66
N SER A 279 -4.62 16.79 22.03
CA SER A 279 -3.49 16.03 21.48
C SER A 279 -2.95 16.67 20.19
N ILE A 280 -3.86 17.08 19.31
CA ILE A 280 -3.46 17.75 18.07
C ILE A 280 -3.13 19.24 18.29
N ILE A 281 -3.89 19.89 19.17
CA ILE A 281 -3.68 21.32 19.39
C ILE A 281 -2.35 21.56 20.06
N ASN A 282 -2.13 20.93 21.21
CA ASN A 282 -0.85 21.07 21.91
C ASN A 282 0.30 20.50 21.12
N GLY A 283 0.06 19.35 20.48
CA GLY A 283 1.11 18.67 19.73
C GLY A 283 1.59 19.45 18.52
N SER A 284 0.75 20.37 18.04
CA SER A 284 1.10 21.19 16.89
C SER A 284 2.12 22.27 17.20
N ASP A 285 2.25 22.62 18.49
CA ASP A 285 3.23 23.58 18.94
C ASP A 285 4.62 23.13 18.51
N ASN A 286 5.43 24.06 18.00
CA ASN A 286 6.76 23.73 17.48
C ASN A 286 7.74 23.13 18.50
N LYS A 287 7.46 23.36 19.78
CA LYS A 287 8.29 22.77 20.83
C LYS A 287 8.04 21.28 20.99
N ILE A 288 6.95 20.80 20.39
CA ILE A 288 6.65 19.38 20.36
C ILE A 288 6.88 18.87 18.94
N ALA A 289 6.47 19.67 17.96
CA ALA A 289 6.54 19.28 16.55
C ALA A 289 7.99 19.20 16.03
N LEU A 290 8.88 20.00 16.60
CA LEU A 290 10.26 20.07 16.12
C LEU A 290 11.29 19.36 17.03
N ALA A 291 10.82 18.86 18.17
CA ALA A 291 11.59 18.07 19.17
C ALA A 291 12.21 16.80 18.62
N ALA A 292 13.22 16.23 19.29
CA ALA A 292 13.67 14.86 18.94
C ALA A 292 12.82 13.83 19.68
N ARG A 293 12.18 12.94 18.92
CA ARG A 293 11.24 11.97 19.48
CA ARG A 293 11.26 11.98 19.50
C ARG A 293 11.57 10.55 19.04
N PRO A 294 11.70 9.61 19.99
CA PRO A 294 11.85 8.22 19.57
C PRO A 294 10.63 7.75 18.79
N VAL A 295 10.84 6.97 17.74
CA VAL A 295 9.72 6.42 16.97
C VAL A 295 9.67 4.91 17.04
N LYS A 296 8.45 4.39 16.87
CA LYS A 296 8.19 2.96 16.72
C LYS A 296 7.87 2.71 15.26
N ALA A 297 8.57 1.76 14.65
CA ALA A 297 8.27 1.37 13.27
C ALA A 297 6.92 0.69 13.22
N ILE A 298 6.16 1.02 12.19
CA ILE A 298 4.93 0.29 11.90
C ILE A 298 5.27 -0.73 10.81
N THR A 299 5.30 -2.00 11.22
CA THR A 299 5.92 -3.04 10.41
C THR A 299 4.91 -4.12 10.05
N PRO A 300 4.38 -4.11 8.82
CA PRO A 300 4.56 -3.15 7.73
C PRO A 300 3.65 -1.92 7.89
N PRO A 301 3.92 -0.85 7.14
CA PRO A 301 3.09 0.36 7.25
C PRO A 301 1.62 0.08 7.00
N THR A 302 0.77 0.78 7.74
CA THR A 302 -0.67 0.61 7.57
C THR A 302 -1.14 1.47 6.39
N PRO A 303 -1.89 0.87 5.46
CA PRO A 303 -2.42 1.67 4.35
C PRO A 303 -3.30 2.79 4.91
N ALA A 304 -3.41 3.88 4.15
CA ALA A 304 -4.18 5.06 4.54
C ALA A 304 -5.48 4.70 5.28
N VAL A 305 -5.59 5.15 6.53
CA VAL A 305 -6.75 4.86 7.35
C VAL A 305 -7.79 5.98 7.19
N ARG A 306 -8.99 5.61 6.75
CA ARG A 306 -10.03 6.61 6.47
C ARG A 306 -10.46 7.36 7.74
N ALA A 307 -10.53 6.65 8.86
CA ALA A 307 -10.84 7.26 10.15
C ALA A 307 -9.62 7.97 10.76
N SER A 308 -9.12 9.00 10.08
CA SER A 308 -7.95 9.72 10.54
C SER A 308 -8.21 11.21 10.51
N TRP A 309 -7.55 11.93 11.41
CA TRP A 309 -7.31 13.36 11.28
C TRP A 309 -5.98 13.47 10.56
N VAL A 310 -6.01 13.91 9.31
CA VAL A 310 -4.80 14.02 8.51
C VAL A 310 -4.50 15.50 8.42
N HIS A 311 -3.27 15.90 8.67
CA HIS A 311 -3.00 17.32 8.69
C HIS A 311 -1.55 17.71 8.42
N LYS A 312 -1.34 18.99 8.18
CA LYS A 312 -0.01 19.56 8.06
C LYS A 312 -0.05 21.06 8.35
N THR A 313 0.84 21.50 9.23
CA THR A 313 1.07 22.93 9.45
CA THR A 313 1.02 22.94 9.40
C THR A 313 2.22 23.41 8.57
N GLY A 314 2.27 24.71 8.30
CA GLY A 314 3.37 25.25 7.53
C GLY A 314 3.57 26.72 7.78
N ALA A 315 4.82 27.17 7.70
CA ALA A 315 5.08 28.58 7.81
C ALA A 315 6.27 28.98 6.97
N THR A 316 6.29 30.24 6.57
CA THR A 316 7.50 30.92 6.14
C THR A 316 7.63 32.16 7.04
N GLY A 317 8.62 33.00 6.77
CA GLY A 317 8.83 34.17 7.62
C GLY A 317 7.59 35.03 7.72
N GLY A 318 6.81 35.09 6.64
CA GLY A 318 5.66 35.97 6.55
C GLY A 318 4.31 35.31 6.44
N PHE A 319 4.25 33.97 6.47
CA PHE A 319 2.97 33.27 6.26
C PHE A 319 2.77 32.12 7.21
N GLY A 320 1.51 31.77 7.45
CA GLY A 320 1.15 30.66 8.30
C GLY A 320 -0.02 29.92 7.68
N SER A 321 0.15 28.62 7.45
CA SER A 321 -0.83 27.80 6.75
CA SER A 321 -0.84 27.81 6.77
C SER A 321 -1.17 26.56 7.57
N TYR A 322 -2.35 26.02 7.33
CA TYR A 322 -2.76 24.80 7.98
C TYR A 322 -3.77 24.08 7.11
N VAL A 323 -3.62 22.76 7.01
CA VAL A 323 -4.60 21.95 6.29
C VAL A 323 -4.94 20.76 7.17
N ALA A 324 -6.22 20.41 7.28
CA ALA A 324 -6.60 19.18 7.97
C ALA A 324 -7.84 18.59 7.30
N PHE A 325 -7.93 17.26 7.29
CA PHE A 325 -9.10 16.61 6.74
C PHE A 325 -9.33 15.24 7.37
N ILE A 326 -10.57 14.78 7.27
CA ILE A 326 -10.99 13.50 7.82
C ILE A 326 -11.69 12.73 6.70
N PRO A 327 -10.96 11.78 6.08
CA PRO A 327 -11.48 11.07 4.92
C PRO A 327 -12.83 10.41 5.16
N GLU A 328 -12.97 9.75 6.30
CA GLU A 328 -14.24 9.06 6.64
C GLU A 328 -15.44 10.00 6.63
N LYS A 329 -15.22 11.26 6.95
CA LYS A 329 -16.33 12.23 7.05
C LYS A 329 -16.46 13.16 5.83
N GLU A 330 -15.59 13.00 4.85
CA GLU A 330 -15.57 13.85 3.65
C GLU A 330 -15.48 15.33 4.04
N LEU A 331 -14.66 15.60 5.03
CA LEU A 331 -14.62 16.89 5.69
C LEU A 331 -13.20 17.39 5.77
N GLY A 332 -13.01 18.67 5.49
CA GLY A 332 -11.67 19.23 5.52
C GLY A 332 -11.67 20.74 5.65
N ILE A 333 -10.50 21.29 5.96
CA ILE A 333 -10.33 22.73 6.05
C ILE A 333 -8.93 23.13 5.58
N VAL A 334 -8.86 24.28 4.94
CA VAL A 334 -7.60 24.93 4.63
C VAL A 334 -7.65 26.34 5.22
N MET A 335 -6.61 26.74 5.92
CA MET A 335 -6.47 28.08 6.46
C MET A 335 -5.15 28.68 6.00
N LEU A 336 -5.24 29.75 5.21
CA LEU A 336 -4.03 30.42 4.68
C LEU A 336 -3.99 31.86 5.19
N ALA A 337 -2.88 32.24 5.78
CA ALA A 337 -2.72 33.58 6.30
C ALA A 337 -1.38 34.17 5.94
N ASN A 338 -1.35 35.49 5.73
CA ASN A 338 -0.06 36.15 5.47
C ASN A 338 0.56 36.76 6.73
N LYS A 339 0.50 36.00 7.81
CA LYS A 339 1.33 36.21 8.99
C LYS A 339 1.59 34.83 9.58
N ASN A 340 2.81 34.57 10.02
CA ASN A 340 3.13 33.37 10.76
C ASN A 340 2.72 33.53 12.23
N TYR A 341 1.60 32.93 12.59
CA TYR A 341 1.04 33.05 13.92
C TYR A 341 1.07 31.65 14.55
N PRO A 342 0.96 31.54 15.89
CA PRO A 342 1.27 30.26 16.54
C PRO A 342 0.47 29.06 16.04
N ASN A 343 1.15 27.92 15.88
CA ASN A 343 0.50 26.69 15.44
C ASN A 343 -0.74 26.28 16.26
N PRO A 344 -0.66 26.34 17.62
CA PRO A 344 -1.83 25.87 18.35
C PRO A 344 -3.09 26.66 18.06
N ALA A 345 -2.96 27.95 17.73
CA ALA A 345 -4.12 28.74 17.35
C ALA A 345 -4.76 28.22 16.08
N ARG A 346 -3.93 27.77 15.13
CA ARG A 346 -4.43 27.21 13.87
C ARG A 346 -5.20 25.93 14.14
N VAL A 347 -4.60 25.03 14.90
CA VAL A 347 -5.24 23.74 15.14
C VAL A 347 -6.53 23.86 15.95
N ASP A 348 -6.49 24.73 16.95
CA ASP A 348 -7.68 24.98 17.76
C ASP A 348 -8.82 25.46 16.90
N ALA A 349 -8.54 26.39 15.99
CA ALA A 349 -9.60 26.93 15.16
C ALA A 349 -10.10 25.88 14.18
N ALA A 350 -9.17 25.12 13.58
CA ALA A 350 -9.58 24.09 12.65
C ALA A 350 -10.42 23.04 13.35
N TRP A 351 -9.99 22.62 14.53
CA TRP A 351 -10.74 21.60 15.26
C TRP A 351 -12.13 22.13 15.65
N GLN A 352 -12.22 23.37 16.10
CA GLN A 352 -13.51 23.95 16.46
C GLN A 352 -14.47 23.91 15.26
N ILE A 353 -13.96 24.28 14.09
CA ILE A 353 -14.79 24.29 12.90
C ILE A 353 -15.19 22.87 12.46
N LEU A 354 -14.21 21.97 12.32
CA LEU A 354 -14.53 20.63 11.85
C LEU A 354 -15.38 19.83 12.83
N ASN A 355 -15.08 19.99 14.11
CA ASN A 355 -15.86 19.29 15.12
C ASN A 355 -17.33 19.69 15.09
N ALA A 356 -17.59 20.97 14.80
CA ALA A 356 -18.95 21.48 14.74
C ALA A 356 -19.72 20.97 13.54
N LEU A 357 -18.99 20.60 12.48
CA LEU A 357 -19.61 20.16 11.23
C LEU A 357 -19.63 18.65 11.12
N GLN A 358 -18.94 17.98 12.02
CA GLN A 358 -18.82 16.54 11.94
C GLN A 358 -20.09 15.87 12.45
N ALA B 1 -10.17 -19.48 -30.46
CA ALA B 1 -8.92 -18.93 -29.97
C ALA B 1 -7.97 -18.62 -31.13
N PRO B 2 -7.16 -17.56 -30.97
CA PRO B 2 -6.14 -17.29 -31.99
C PRO B 2 -5.24 -18.52 -32.17
N GLN B 3 -4.85 -18.77 -33.41
CA GLN B 3 -4.08 -19.95 -33.75
C GLN B 3 -2.83 -20.11 -32.89
N GLN B 4 -2.17 -18.99 -32.59
CA GLN B 4 -0.93 -19.04 -31.83
C GLN B 4 -1.18 -19.62 -30.44
N ILE B 5 -2.35 -19.32 -29.86
CA ILE B 5 -2.65 -19.86 -28.53
C ILE B 5 -2.98 -21.34 -28.63
N ASN B 6 -3.87 -21.71 -29.56
CA ASN B 6 -4.21 -23.10 -29.76
C ASN B 6 -2.97 -23.94 -29.99
N ASP B 7 -2.07 -23.44 -30.83
CA ASP B 7 -0.89 -24.19 -31.23
C ASP B 7 0.02 -24.45 -30.05
N ILE B 8 0.38 -23.40 -29.31
CA ILE B 8 1.31 -23.59 -28.22
C ILE B 8 0.68 -24.42 -27.10
N VAL B 9 -0.61 -24.22 -26.84
CA VAL B 9 -1.27 -25.00 -25.81
C VAL B 9 -1.31 -26.50 -26.15
N HIS B 10 -1.73 -26.81 -27.38
CA HIS B 10 -1.80 -28.21 -27.82
C HIS B 10 -0.42 -28.87 -27.85
N ARG B 11 0.60 -28.12 -28.29
CA ARG B 11 1.93 -28.70 -28.37
C ARG B 11 2.58 -28.88 -27.00
N THR B 12 2.12 -28.12 -26.01
CA THR B 12 2.72 -28.14 -24.69
C THR B 12 1.91 -29.02 -23.71
N ILE B 13 0.61 -28.75 -23.61
CA ILE B 13 -0.20 -29.43 -22.61
C ILE B 13 -0.56 -30.85 -23.02
N THR B 14 -0.89 -31.05 -24.29
CA THR B 14 -1.32 -32.38 -24.69
C THR B 14 -0.24 -33.45 -24.44
N PRO B 15 1.03 -33.18 -24.82
CA PRO B 15 2.08 -34.13 -24.46
C PRO B 15 2.37 -34.23 -22.95
N LEU B 16 2.22 -33.14 -22.21
CA LEU B 16 2.37 -33.18 -20.75
C LEU B 16 1.41 -34.19 -20.12
N ILE B 17 0.17 -34.20 -20.60
CA ILE B 17 -0.87 -35.10 -20.10
C ILE B 17 -0.52 -36.56 -20.34
N GLU B 18 0.04 -36.84 -21.52
CA GLU B 18 0.46 -38.19 -21.84
C GLU B 18 1.66 -38.60 -20.97
N GLN B 19 2.63 -37.71 -20.84
CA GLN B 19 3.81 -37.96 -20.01
C GLN B 19 3.47 -38.25 -18.56
N GLN B 20 2.54 -37.47 -17.99
CA GLN B 20 2.24 -37.55 -16.57
C GLN B 20 1.05 -38.46 -16.28
N LYS B 21 0.45 -39.01 -17.33
CA LYS B 21 -0.74 -39.85 -17.20
C LYS B 21 -1.86 -39.17 -16.41
N ILE B 22 -2.12 -37.92 -16.76
CA ILE B 22 -3.18 -37.12 -16.14
C ILE B 22 -4.53 -37.50 -16.71
N PRO B 23 -5.47 -37.95 -15.85
CA PRO B 23 -6.77 -38.38 -16.34
C PRO B 23 -7.64 -37.27 -16.94
N GLY B 24 -7.62 -36.09 -16.35
CA GLY B 24 -8.44 -34.99 -16.80
C GLY B 24 -7.75 -33.67 -16.52
N MET B 25 -7.90 -32.71 -17.43
CA MET B 25 -7.23 -31.42 -17.29
CA MET B 25 -7.22 -31.43 -17.30
C MET B 25 -8.02 -30.29 -17.92
N ALA B 26 -8.02 -29.13 -17.26
CA ALA B 26 -8.59 -27.92 -17.87
C ALA B 26 -7.53 -26.84 -17.81
N VAL B 27 -7.41 -26.06 -18.88
CA VAL B 27 -6.45 -24.96 -18.95
C VAL B 27 -7.17 -23.71 -19.45
N ALA B 28 -6.89 -22.57 -18.83
CA ALA B 28 -7.35 -21.29 -19.36
C ALA B 28 -6.12 -20.47 -19.66
N VAL B 29 -6.10 -19.82 -20.82
CA VAL B 29 -5.06 -18.85 -21.12
C VAL B 29 -5.75 -17.51 -21.19
N ILE B 30 -5.21 -16.54 -20.47
CA ILE B 30 -5.72 -15.18 -20.55
C ILE B 30 -4.76 -14.41 -21.42
N TYR B 31 -5.29 -13.88 -22.52
CA TYR B 31 -4.44 -13.24 -23.53
C TYR B 31 -5.07 -11.93 -23.91
N GLN B 32 -4.28 -10.86 -23.77
CA GLN B 32 -4.81 -9.48 -23.87
C GLN B 32 -6.07 -9.32 -23.03
N GLY B 33 -6.05 -9.91 -21.84
CA GLY B 33 -7.16 -9.85 -20.91
C GLY B 33 -8.36 -10.77 -21.13
N LYS B 34 -8.39 -11.49 -22.26
CA LYS B 34 -9.52 -12.38 -22.61
C LYS B 34 -9.19 -13.87 -22.38
N PRO B 35 -10.18 -14.66 -21.93
CA PRO B 35 -9.88 -16.07 -21.62
C PRO B 35 -10.17 -17.01 -22.79
N TYR B 36 -9.35 -18.06 -22.86
CA TYR B 36 -9.48 -19.12 -23.86
C TYR B 36 -9.34 -20.44 -23.12
N TYR B 37 -10.27 -21.35 -23.38
CA TYR B 37 -10.38 -22.58 -22.60
C TYR B 37 -10.04 -23.84 -23.38
N PHE B 38 -9.44 -24.78 -22.68
CA PHE B 38 -9.03 -26.04 -23.27
C PHE B 38 -9.34 -27.14 -22.28
N THR B 39 -9.91 -28.26 -22.74
CA THR B 39 -10.19 -29.37 -21.83
C THR B 39 -9.72 -30.70 -22.42
N TRP B 40 -9.37 -31.63 -21.55
CA TRP B 40 -8.93 -32.96 -21.95
C TRP B 40 -9.46 -33.96 -20.95
N GLY B 41 -9.80 -35.15 -21.42
CA GLY B 41 -9.96 -36.28 -20.50
C GLY B 41 -11.18 -36.28 -19.62
N TYR B 42 -11.09 -36.98 -18.50
CA TYR B 42 -12.26 -37.25 -17.66
C TYR B 42 -12.16 -36.65 -16.28
N ALA B 43 -13.26 -36.04 -15.83
CA ALA B 43 -13.44 -35.62 -14.44
C ALA B 43 -13.68 -36.85 -13.56
N ASP B 44 -14.34 -37.86 -14.13
CA ASP B 44 -14.66 -39.09 -13.44
C ASP B 44 -14.41 -40.21 -14.43
N ILE B 45 -13.38 -41.02 -14.16
CA ILE B 45 -12.96 -42.06 -15.10
C ILE B 45 -14.03 -43.16 -15.24
N ALA B 46 -14.49 -43.67 -14.11
CA ALA B 46 -15.43 -44.79 -14.12
C ALA B 46 -16.72 -44.42 -14.84
N LYS B 47 -17.20 -43.21 -14.63
CA LYS B 47 -18.43 -42.75 -15.28
C LYS B 47 -18.16 -42.19 -16.68
N LYS B 48 -16.89 -42.04 -17.05
CA LYS B 48 -16.50 -41.43 -18.33
C LYS B 48 -17.14 -40.05 -18.46
N GLN B 49 -17.09 -39.30 -17.36
CA GLN B 49 -17.60 -37.95 -17.32
C GLN B 49 -16.48 -37.01 -17.76
N PRO B 50 -16.67 -36.30 -18.89
CA PRO B 50 -15.62 -35.43 -19.42
C PRO B 50 -15.37 -34.23 -18.53
N VAL B 51 -14.13 -33.75 -18.55
CA VAL B 51 -13.83 -32.46 -17.97
C VAL B 51 -14.51 -31.42 -18.86
N THR B 52 -15.19 -30.47 -18.23
CA THR B 52 -15.83 -29.38 -18.94
C THR B 52 -15.49 -28.09 -18.23
N GLN B 53 -16.03 -26.99 -18.75
CA GLN B 53 -15.87 -25.67 -18.15
C GLN B 53 -16.54 -25.59 -16.78
N GLN B 54 -17.46 -26.50 -16.50
CA GLN B 54 -18.19 -26.52 -15.22
C GLN B 54 -17.55 -27.44 -14.18
N THR B 55 -16.47 -28.12 -14.54
CA THR B 55 -15.89 -29.09 -13.62
C THR B 55 -15.14 -28.40 -12.49
N LEU B 56 -15.45 -28.78 -11.25
CA LEU B 56 -14.70 -28.26 -10.10
C LEU B 56 -13.48 -29.11 -9.80
N PHE B 57 -12.35 -28.43 -9.59
CA PHE B 57 -11.10 -29.08 -9.20
C PHE B 57 -10.70 -28.59 -7.81
N GLU B 58 -10.02 -29.46 -7.03
CA GLU B 58 -9.43 -29.00 -5.79
C GLU B 58 -8.18 -28.17 -6.08
N LEU B 59 -8.15 -26.94 -5.56
CA LEU B 59 -7.03 -26.03 -5.80
C LEU B 59 -5.83 -26.32 -4.92
N GLY B 60 -6.04 -27.01 -3.82
CA GLY B 60 -4.98 -27.19 -2.84
C GLY B 60 -4.41 -25.84 -2.42
N SER B 61 -3.09 -25.72 -2.43
CA SER B 61 -2.43 -24.50 -1.95
CA SER B 61 -2.43 -24.51 -1.95
C SER B 61 -2.70 -23.26 -2.79
N VAL B 62 -3.24 -23.41 -4.00
CA VAL B 62 -3.65 -22.22 -4.76
C VAL B 62 -4.75 -21.47 -3.96
N SER B 63 -5.43 -22.17 -3.07
CA SER B 63 -6.38 -21.55 -2.14
C SER B 63 -5.76 -20.42 -1.35
N LYS B 64 -4.46 -20.53 -1.05
CA LYS B 64 -3.77 -19.48 -0.27
C LYS B 64 -3.83 -18.11 -0.93
N THR B 65 -3.97 -18.07 -2.26
CA THR B 65 -4.12 -16.78 -2.93
C THR B 65 -5.45 -16.13 -2.57
N PHE B 66 -6.50 -16.94 -2.43
CA PHE B 66 -7.80 -16.42 -1.97
C PHE B 66 -7.70 -15.96 -0.51
N THR B 67 -7.01 -16.74 0.32
CA THR B 67 -6.84 -16.35 1.71
C THR B 67 -6.06 -15.04 1.80
N GLY B 68 -5.01 -14.91 0.98
CA GLY B 68 -4.19 -13.72 1.04
C GLY B 68 -5.01 -12.48 0.63
N VAL B 69 -5.81 -12.62 -0.42
CA VAL B 69 -6.64 -11.52 -0.91
C VAL B 69 -7.75 -11.14 0.10
N LEU B 70 -8.36 -12.14 0.74
CA LEU B 70 -9.35 -11.90 1.78
C LEU B 70 -8.73 -11.13 2.95
N GLY B 71 -7.51 -11.49 3.30
CA GLY B 71 -6.79 -10.77 4.35
C GLY B 71 -6.51 -9.34 3.90
N GLY B 72 -6.05 -9.20 2.67
CA GLY B 72 -5.85 -7.86 2.10
C GLY B 72 -7.12 -7.01 2.15
N ASP B 73 -8.24 -7.60 1.79
CA ASP B 73 -9.53 -6.91 1.84
C ASP B 73 -9.87 -6.47 3.27
N ALA B 74 -9.55 -7.30 4.26
CA ALA B 74 -9.81 -6.95 5.65
C ALA B 74 -8.91 -5.80 6.11
N ILE B 75 -7.69 -5.76 5.59
CA ILE B 75 -6.79 -4.64 5.90
C ILE B 75 -7.40 -3.37 5.31
N ALA B 76 -7.82 -3.45 4.06
CA ALA B 76 -8.45 -2.31 3.38
C ALA B 76 -9.71 -1.83 4.10
N ARG B 77 -10.44 -2.76 4.73
CA ARG B 77 -11.65 -2.41 5.49
C ARG B 77 -11.33 -1.77 6.84
N GLY B 78 -10.05 -1.74 7.21
CA GLY B 78 -9.65 -1.22 8.50
C GLY B 78 -9.90 -2.21 9.64
N GLU B 79 -10.17 -3.48 9.31
CA GLU B 79 -10.48 -4.48 10.33
C GLU B 79 -9.23 -5.05 11.02
N ILE B 80 -8.15 -5.19 10.24
CA ILE B 80 -6.89 -5.73 10.76
C ILE B 80 -5.73 -4.94 10.21
N LYS B 81 -4.57 -5.09 10.83
CA LYS B 81 -3.32 -4.54 10.31
C LYS B 81 -2.29 -5.67 10.35
N LEU B 82 -1.42 -5.72 9.35
CA LEU B 82 -0.42 -6.79 9.32
C LEU B 82 0.60 -6.63 10.45
N SER B 83 0.72 -5.40 10.97
CA SER B 83 1.60 -5.12 12.08
C SER B 83 1.02 -5.54 13.43
N ASP B 84 -0.24 -5.96 13.45
CA ASP B 84 -0.90 -6.35 14.70
C ASP B 84 -0.27 -7.66 15.23
N PRO B 85 -0.06 -7.74 16.55
CA PRO B 85 0.33 -9.04 17.15
C PRO B 85 -0.78 -10.06 16.96
N THR B 86 -0.38 -11.31 16.76
CA THR B 86 -1.30 -12.41 16.65
C THR B 86 -2.30 -12.41 17.81
N THR B 87 -1.80 -12.13 19.01
CA THR B 87 -2.64 -12.24 20.20
CA THR B 87 -2.57 -12.15 20.25
C THR B 87 -3.75 -11.17 20.26
N LYS B 88 -3.63 -10.10 19.47
CA LYS B 88 -4.73 -9.12 19.42
C LYS B 88 -6.04 -9.77 18.98
N TYR B 89 -5.96 -10.74 18.06
CA TYR B 89 -7.14 -11.37 17.50
C TYR B 89 -7.39 -12.76 18.09
N TRP B 90 -6.45 -13.24 18.89
CA TRP B 90 -6.64 -14.50 19.60
C TRP B 90 -6.14 -14.30 21.01
N PRO B 91 -6.93 -13.64 21.86
CA PRO B 91 -6.50 -13.23 23.20
C PRO B 91 -6.10 -14.41 24.07
N GLU B 92 -6.69 -15.57 23.81
CA GLU B 92 -6.38 -16.82 24.53
C GLU B 92 -4.96 -17.35 24.26
N LEU B 93 -4.32 -16.83 23.21
CA LEU B 93 -2.97 -17.28 22.84
C LEU B 93 -1.94 -16.51 23.65
N THR B 94 -1.74 -16.91 24.90
CA THR B 94 -0.98 -16.13 25.86
C THR B 94 0.47 -16.55 26.07
N ALA B 95 0.88 -17.68 25.49
CA ALA B 95 2.24 -18.17 25.76
C ALA B 95 3.31 -17.20 25.24
N LYS B 96 4.42 -17.14 25.96
CA LYS B 96 5.42 -16.09 25.76
C LYS B 96 6.08 -16.08 24.37
N GLN B 97 6.15 -17.23 23.71
CA GLN B 97 6.85 -17.30 22.42
C GLN B 97 6.11 -16.57 21.33
N TRP B 98 4.85 -16.19 21.61
CA TRP B 98 4.03 -15.47 20.63
C TRP B 98 4.26 -13.98 20.67
N ASN B 99 5.00 -13.50 21.67
CA ASN B 99 5.35 -12.09 21.75
C ASN B 99 6.23 -11.72 20.55
N GLY B 100 5.78 -10.73 19.77
CA GLY B 100 6.52 -10.35 18.58
C GLY B 100 6.17 -11.07 17.30
N ILE B 101 5.23 -12.03 17.35
CA ILE B 101 4.75 -12.65 16.12
C ILE B 101 3.49 -11.97 15.62
N THR B 102 3.57 -11.38 14.44
CA THR B 102 2.48 -10.55 13.91
C THR B 102 1.69 -11.27 12.82
N LEU B 103 0.57 -10.69 12.42
CA LEU B 103 -0.20 -11.25 11.33
C LEU B 103 0.64 -11.32 10.05
N LEU B 104 1.51 -10.34 9.83
CA LEU B 104 2.41 -10.42 8.67
C LEU B 104 3.21 -11.72 8.70
N HIS B 105 3.78 -12.04 9.86
CA HIS B 105 4.58 -13.26 9.99
C HIS B 105 3.76 -14.50 9.63
N LEU B 106 2.54 -14.57 10.17
CA LEU B 106 1.69 -15.70 9.87
C LEU B 106 1.38 -15.77 8.36
N ALA B 107 1.00 -14.64 7.77
CA ALA B 107 0.60 -14.63 6.36
C ALA B 107 1.72 -15.05 5.41
N THR B 108 2.98 -14.81 5.80
CA THR B 108 4.14 -14.95 4.90
C THR B 108 5.11 -16.04 5.32
N TYR B 109 4.69 -16.89 6.25
CA TYR B 109 5.44 -18.10 6.67
C TYR B 109 6.72 -17.72 7.41
N THR B 110 6.74 -16.57 8.05
CA THR B 110 7.95 -16.06 8.68
C THR B 110 7.87 -15.97 10.20
N ALA B 111 6.94 -16.70 10.81
CA ALA B 111 6.79 -16.65 12.28
C ALA B 111 7.93 -17.34 13.03
N GLY B 112 8.70 -18.18 12.33
CA GLY B 112 9.81 -18.85 12.96
C GLY B 112 9.70 -20.36 12.97
N GLY B 113 9.17 -20.95 11.90
CA GLY B 113 9.14 -22.40 11.80
C GLY B 113 7.86 -23.09 12.25
N LEU B 114 6.72 -22.41 12.17
CA LEU B 114 5.43 -23.12 12.25
C LEU B 114 5.44 -24.23 11.21
N PRO B 115 4.88 -25.40 11.56
CA PRO B 115 5.06 -26.59 10.70
C PRO B 115 4.21 -26.57 9.43
N LEU B 116 4.71 -27.28 8.42
CA LEU B 116 4.04 -27.43 7.16
C LEU B 116 2.57 -27.79 7.31
N GLN B 117 2.28 -28.79 8.14
CA GLN B 117 0.90 -29.19 8.37
CA GLN B 117 0.91 -29.22 8.38
C GLN B 117 0.54 -29.05 9.84
N VAL B 118 -0.73 -28.73 10.09
CA VAL B 118 -1.26 -28.87 11.43
C VAL B 118 -1.36 -30.40 11.60
N PRO B 119 -0.91 -30.93 12.75
CA PRO B 119 -0.97 -32.38 12.96
C PRO B 119 -2.39 -32.93 12.78
N ASP B 120 -2.50 -34.13 12.21
CA ASP B 120 -3.81 -34.65 11.84
C ASP B 120 -4.71 -34.88 13.05
N GLU B 121 -4.11 -35.10 14.21
CA GLU B 121 -4.90 -35.37 15.41
C GLU B 121 -5.57 -34.12 15.98
N VAL B 122 -5.15 -32.95 15.48
CA VAL B 122 -5.76 -31.71 15.91
C VAL B 122 -7.06 -31.53 15.16
N LYS B 123 -8.16 -31.48 15.89
CA LYS B 123 -9.46 -31.37 15.27
C LYS B 123 -10.20 -30.15 15.79
N SER B 124 -10.38 -30.11 17.10
CA SER B 124 -11.28 -29.15 17.74
C SER B 124 -10.59 -27.82 18.00
N SER B 125 -11.40 -26.82 18.33
CA SER B 125 -10.89 -25.53 18.78
C SER B 125 -9.89 -25.68 19.93
N SER B 126 -10.20 -26.55 20.88
CA SER B 126 -9.32 -26.76 22.02
C SER B 126 -8.00 -27.39 21.60
N ASP B 127 -8.06 -28.35 20.67
CA ASP B 127 -6.86 -29.00 20.18
C ASP B 127 -5.98 -27.95 19.52
N LEU B 128 -6.62 -27.03 18.80
CA LEU B 128 -5.90 -26.03 18.02
C LEU B 128 -5.18 -25.06 18.96
N LEU B 129 -5.88 -24.56 19.97
CA LEU B 129 -5.27 -23.67 20.96
C LEU B 129 -4.06 -24.33 21.61
N ARG B 130 -4.24 -25.58 22.04
CA ARG B 130 -3.17 -26.33 22.68
C ARG B 130 -1.94 -26.47 21.76
N PHE B 131 -2.19 -26.79 20.50
CA PHE B 131 -1.13 -26.93 19.52
C PHE B 131 -0.31 -25.65 19.41
N TYR B 132 -0.98 -24.53 19.21
CA TYR B 132 -0.27 -23.25 19.09
C TYR B 132 0.39 -22.80 20.41
N GLN B 133 -0.27 -23.05 21.54
CA GLN B 133 0.29 -22.69 22.84
C GLN B 133 1.57 -23.49 23.12
N ASN B 134 1.64 -24.72 22.61
CA ASN B 134 2.81 -25.58 22.85
C ASN B 134 3.92 -25.46 21.82
N TRP B 135 3.62 -24.82 20.68
CA TRP B 135 4.61 -24.75 19.60
C TRP B 135 5.81 -23.92 19.99
N GLN B 136 7.01 -24.47 19.78
CA GLN B 136 8.25 -23.78 20.07
C GLN B 136 9.00 -23.47 18.79
N PRO B 137 9.33 -22.19 18.57
CA PRO B 137 9.94 -21.72 17.32
C PRO B 137 11.33 -22.30 17.06
N ALA B 138 11.60 -22.55 15.78
CA ALA B 138 12.92 -22.94 15.31
C ALA B 138 13.83 -21.71 15.17
N TRP B 139 13.24 -20.53 14.94
CA TRP B 139 13.97 -19.29 14.67
C TRP B 139 13.18 -18.13 15.23
N ALA B 140 13.82 -16.97 15.35
CA ALA B 140 13.13 -15.76 15.80
C ALA B 140 12.17 -15.30 14.68
N PRO B 141 11.15 -14.49 15.03
CA PRO B 141 10.22 -14.02 14.01
C PRO B 141 10.92 -13.17 12.95
N GLY B 142 10.46 -13.27 11.71
CA GLY B 142 10.94 -12.42 10.64
C GLY B 142 12.36 -12.67 10.18
N THR B 143 12.83 -13.91 10.31
CA THR B 143 14.21 -14.26 9.92
C THR B 143 14.25 -15.34 8.84
N GLN B 144 13.33 -16.31 8.91
CA GLN B 144 13.32 -17.44 7.99
C GLN B 144 11.91 -17.65 7.44
N ARG B 145 11.82 -17.97 6.16
CA ARG B 145 10.56 -18.34 5.51
C ARG B 145 10.48 -19.85 5.46
N LEU B 146 9.42 -20.43 6.02
CA LEU B 146 9.19 -21.87 5.93
C LEU B 146 7.73 -22.09 5.59
N TYR B 147 7.50 -22.49 4.35
CA TYR B 147 6.15 -22.67 3.84
C TYR B 147 5.33 -23.53 4.77
N ALA B 148 4.14 -23.06 5.15
CA ALA B 148 3.41 -23.71 6.24
C ALA B 148 1.93 -23.43 6.21
N ASN B 149 1.14 -24.49 6.12
CA ASN B 149 -0.31 -24.37 6.28
C ASN B 149 -0.70 -23.88 7.67
N SER B 150 0.07 -24.26 8.68
CA SER B 150 -0.26 -23.83 10.04
C SER B 150 -0.01 -22.34 10.25
N SER B 151 0.75 -21.73 9.34
CA SER B 151 1.06 -20.31 9.42
C SER B 151 -0.03 -19.51 8.71
N ILE B 152 -0.16 -19.69 7.40
CA ILE B 152 -1.15 -18.90 6.67
C ILE B 152 -2.59 -19.31 7.01
N GLY B 153 -2.78 -20.57 7.40
CA GLY B 153 -4.11 -20.98 7.84
C GLY B 153 -4.57 -20.23 9.07
N LEU B 154 -3.67 -20.01 10.04
CA LEU B 154 -4.02 -19.23 11.21
C LEU B 154 -4.24 -17.76 10.84
N PHE B 155 -3.42 -17.25 9.93
CA PHE B 155 -3.64 -15.89 9.45
C PHE B 155 -5.08 -15.73 8.93
N GLY B 156 -5.52 -16.67 8.09
CA GLY B 156 -6.86 -16.59 7.52
C GLY B 156 -7.93 -16.61 8.60
N ALA B 157 -7.80 -17.51 9.56
CA ALA B 157 -8.77 -17.59 10.67
C ALA B 157 -8.85 -16.30 11.48
N LEU B 158 -7.71 -15.68 11.75
CA LEU B 158 -7.68 -14.44 12.54
C LEU B 158 -8.12 -13.24 11.76
N ALA B 159 -7.80 -13.21 10.46
CA ALA B 159 -8.08 -12.06 9.61
C ALA B 159 -9.57 -11.75 9.57
N VAL B 160 -10.41 -12.78 9.70
CA VAL B 160 -11.84 -12.60 9.62
C VAL B 160 -12.54 -12.38 10.97
N LYS B 161 -11.77 -12.45 12.07
CA LYS B 161 -12.35 -12.36 13.39
C LYS B 161 -13.10 -11.03 13.65
N PRO B 162 -12.49 -9.88 13.32
CA PRO B 162 -13.22 -8.62 13.54
C PRO B 162 -14.56 -8.54 12.82
N SER B 163 -14.67 -9.15 11.64
CA SER B 163 -15.90 -9.10 10.85
C SER B 163 -17.03 -9.87 11.54
N GLY B 164 -16.67 -10.78 12.44
CA GLY B 164 -17.65 -11.67 13.06
C GLY B 164 -18.18 -12.77 12.15
N LEU B 165 -17.71 -12.78 10.90
CA LEU B 165 -18.15 -13.80 9.96
C LEU B 165 -17.29 -15.04 10.06
N SER B 166 -17.86 -16.20 9.73
CA SER B 166 -17.04 -17.40 9.53
C SER B 166 -16.09 -17.16 8.36
N PHE B 167 -14.99 -17.91 8.33
CA PHE B 167 -14.08 -17.80 7.20
C PHE B 167 -14.79 -18.03 5.88
N GLU B 168 -15.60 -19.07 5.82
CA GLU B 168 -16.32 -19.39 4.58
C GLU B 168 -17.26 -18.26 4.17
N GLN B 169 -18.03 -17.74 5.13
CA GLN B 169 -18.97 -16.66 4.81
C GLN B 169 -18.25 -15.40 4.38
N ALA B 170 -17.14 -15.08 5.06
CA ALA B 170 -16.32 -13.94 4.64
C ALA B 170 -15.81 -14.14 3.22
N MET B 171 -15.27 -15.33 2.94
CA MET B 171 -14.73 -15.59 1.60
C MET B 171 -15.83 -15.50 0.53
N GLN B 172 -16.99 -16.11 0.79
CA GLN B 172 -18.08 -16.10 -0.20
CA GLN B 172 -18.06 -16.11 -0.22
C GLN B 172 -18.59 -14.69 -0.49
N THR B 173 -18.85 -13.94 0.57
CA THR B 173 -19.49 -12.65 0.40
C THR B 173 -18.52 -11.53 0.01
N ARG B 174 -17.25 -11.68 0.36
CA ARG B 174 -16.28 -10.59 0.15
C ARG B 174 -15.36 -10.79 -1.05
N VAL B 175 -15.23 -12.03 -1.50
CA VAL B 175 -14.31 -12.34 -2.60
C VAL B 175 -15.04 -13.06 -3.73
N PHE B 176 -15.62 -14.22 -3.44
CA PHE B 176 -16.25 -15.03 -4.51
C PHE B 176 -17.37 -14.26 -5.21
N GLN B 177 -18.31 -13.73 -4.41
CA GLN B 177 -19.49 -13.10 -4.99
C GLN B 177 -19.20 -11.81 -5.77
N PRO B 178 -18.38 -10.89 -5.21
CA PRO B 178 -18.15 -9.68 -5.99
C PRO B 178 -17.47 -9.95 -7.33
N LEU B 179 -16.63 -11.00 -7.38
CA LEU B 179 -15.92 -11.36 -8.60
C LEU B 179 -16.73 -12.33 -9.46
N LYS B 180 -17.95 -12.62 -9.03
CA LYS B 180 -18.86 -13.51 -9.77
C LYS B 180 -18.25 -14.87 -10.03
N LEU B 181 -17.61 -15.40 -8.99
CA LEU B 181 -17.08 -16.77 -9.04
C LEU B 181 -18.22 -17.66 -8.56
N ASN B 182 -19.10 -18.00 -9.49
CA ASN B 182 -20.38 -18.61 -9.16
C ASN B 182 -20.35 -20.12 -9.06
N HIS B 183 -19.18 -20.71 -9.28
CA HIS B 183 -18.99 -22.16 -9.16
C HIS B 183 -17.71 -22.46 -8.38
N THR B 184 -17.48 -21.66 -7.35
CA THR B 184 -16.31 -21.76 -6.50
C THR B 184 -16.76 -21.92 -5.06
N TRP B 185 -16.21 -22.90 -4.36
CA TRP B 185 -16.73 -23.30 -3.04
C TRP B 185 -15.62 -23.78 -2.13
N ILE B 186 -15.76 -23.50 -0.84
CA ILE B 186 -14.95 -24.16 0.18
C ILE B 186 -15.61 -25.50 0.53
N ASN B 187 -16.93 -25.47 0.64
CA ASN B 187 -17.72 -26.69 0.81
C ASN B 187 -18.67 -26.83 -0.36
N VAL B 188 -18.44 -27.87 -1.18
CA VAL B 188 -19.20 -28.09 -2.40
C VAL B 188 -20.62 -28.54 -2.02
N PRO B 189 -21.64 -27.77 -2.46
CA PRO B 189 -23.01 -28.10 -2.07
C PRO B 189 -23.54 -29.25 -2.93
N PRO B 190 -24.62 -29.88 -2.48
CA PRO B 190 -25.16 -31.05 -3.22
C PRO B 190 -25.37 -30.79 -4.70
N ALA B 191 -25.87 -29.61 -5.05
CA ALA B 191 -26.14 -29.27 -6.45
C ALA B 191 -24.91 -29.29 -7.34
N GLU B 192 -23.72 -29.12 -6.77
CA GLU B 192 -22.50 -29.10 -7.56
C GLU B 192 -21.73 -30.41 -7.51
N GLU B 193 -22.21 -31.39 -6.74
CA GLU B 193 -21.47 -32.64 -6.60
C GLU B 193 -21.24 -33.34 -7.93
N LYS B 194 -22.22 -33.27 -8.83
CA LYS B 194 -22.08 -33.91 -10.15
C LYS B 194 -20.98 -33.30 -11.01
N ASN B 195 -20.55 -32.09 -10.64
CA ASN B 195 -19.48 -31.39 -11.35
C ASN B 195 -18.14 -31.46 -10.65
N TYR B 196 -18.13 -32.05 -9.46
CA TYR B 196 -16.91 -32.11 -8.65
C TYR B 196 -16.08 -33.29 -9.15
N ALA B 197 -14.99 -32.97 -9.84
CA ALA B 197 -14.11 -34.02 -10.36
C ALA B 197 -13.58 -34.87 -9.21
N TRP B 198 -13.35 -36.13 -9.49
CA TRP B 198 -12.57 -36.97 -8.60
C TRP B 198 -11.11 -36.70 -8.85
N GLY B 199 -10.33 -36.71 -7.78
CA GLY B 199 -8.89 -36.73 -7.92
C GLY B 199 -8.41 -38.15 -8.03
N TYR B 200 -7.24 -38.35 -8.61
CA TYR B 200 -6.71 -39.71 -8.75
C TYR B 200 -5.33 -39.85 -8.15
N ARG B 201 -5.22 -40.75 -7.18
CA ARG B 201 -3.96 -41.03 -6.52
C ARG B 201 -3.73 -42.52 -6.54
N GLU B 202 -2.66 -42.94 -7.20
CA GLU B 202 -2.36 -44.35 -7.41
C GLU B 202 -3.56 -45.08 -8.00
N GLY B 203 -4.26 -44.41 -8.91
CA GLY B 203 -5.37 -45.01 -9.63
C GLY B 203 -6.65 -45.07 -8.82
N LYS B 204 -6.62 -44.49 -7.63
CA LYS B 204 -7.81 -44.46 -6.77
C LYS B 204 -8.46 -43.08 -6.79
N ALA B 205 -9.78 -43.08 -6.92
CA ALA B 205 -10.56 -41.84 -6.85
C ALA B 205 -10.58 -41.34 -5.41
N VAL B 206 -10.14 -40.10 -5.22
CA VAL B 206 -10.06 -39.48 -3.90
C VAL B 206 -10.49 -38.00 -3.88
N HIS B 207 -11.05 -37.56 -2.76
CA HIS B 207 -11.30 -36.16 -2.50
C HIS B 207 -10.57 -35.81 -1.22
N VAL B 208 -10.18 -34.55 -1.08
CA VAL B 208 -9.49 -34.05 0.09
C VAL B 208 -10.28 -34.34 1.36
N SER B 209 -9.58 -34.73 2.42
CA SER B 209 -10.21 -35.05 3.71
C SER B 209 -10.29 -33.79 4.58
N PRO B 210 -11.29 -33.72 5.48
CA PRO B 210 -11.31 -32.63 6.46
C PRO B 210 -10.05 -32.58 7.32
N GLY B 211 -9.61 -31.36 7.62
CA GLY B 211 -8.50 -31.15 8.54
C GLY B 211 -8.56 -29.77 9.16
N ALA B 212 -7.85 -29.58 10.26
CA ALA B 212 -7.84 -28.27 10.92
C ALA B 212 -7.31 -27.19 9.96
N LEU B 213 -8.01 -26.06 9.91
CA LEU B 213 -7.62 -24.93 9.07
C LEU B 213 -7.56 -25.31 7.61
N ASP B 214 -8.34 -26.30 7.20
CA ASP B 214 -8.37 -26.66 5.78
C ASP B 214 -8.94 -25.56 4.91
N ALA B 215 -10.04 -24.95 5.34
CA ALA B 215 -10.67 -23.91 4.54
C ALA B 215 -9.67 -22.80 4.26
N GLU B 216 -8.93 -22.42 5.30
CA GLU B 216 -8.00 -21.30 5.24
C GLU B 216 -6.72 -21.58 4.45
N ALA B 217 -6.27 -22.83 4.44
CA ALA B 217 -4.96 -23.12 3.84
C ALA B 217 -5.04 -23.84 2.51
N TYR B 218 -6.09 -24.62 2.29
CA TYR B 218 -6.16 -25.44 1.07
C TYR B 218 -7.57 -25.86 0.70
N GLY B 219 -8.55 -25.04 1.07
CA GLY B 219 -9.94 -25.49 1.04
C GLY B 219 -10.79 -25.18 -0.18
N VAL B 220 -10.25 -24.46 -1.15
CA VAL B 220 -11.09 -24.02 -2.26
C VAL B 220 -11.16 -25.02 -3.43
N LYS B 221 -12.37 -25.20 -3.96
CA LYS B 221 -12.61 -25.94 -5.19
C LYS B 221 -13.23 -24.99 -6.20
N SER B 222 -12.76 -25.06 -7.45
CA SER B 222 -13.17 -24.07 -8.44
C SER B 222 -13.13 -24.65 -9.86
N THR B 223 -13.79 -23.97 -10.79
CA THR B 223 -13.82 -24.37 -12.19
C THR B 223 -12.80 -23.57 -12.99
N ILE B 224 -12.55 -24.00 -14.23
CA ILE B 224 -11.58 -23.30 -15.06
C ILE B 224 -12.09 -21.91 -15.45
N GLU B 225 -13.40 -21.76 -15.61
CA GLU B 225 -13.98 -20.43 -15.90
C GLU B 225 -13.80 -19.50 -14.71
N ASP B 226 -14.11 -19.97 -13.50
CA ASP B 226 -13.98 -19.09 -12.34
C ASP B 226 -12.51 -18.76 -12.10
N MET B 227 -11.61 -19.72 -12.34
CA MET B 227 -10.19 -19.46 -12.11
C MET B 227 -9.66 -18.49 -13.14
N ALA B 228 -10.19 -18.53 -14.36
CA ALA B 228 -9.78 -17.54 -15.36
C ALA B 228 -10.20 -16.14 -14.90
N ARG B 229 -11.39 -16.03 -14.33
CA ARG B 229 -11.88 -14.76 -13.80
C ARG B 229 -11.02 -14.32 -12.62
N TRP B 230 -10.59 -15.28 -11.82
CA TRP B 230 -9.67 -15.01 -10.71
C TRP B 230 -8.37 -14.42 -11.23
N VAL B 231 -7.84 -14.99 -12.31
CA VAL B 231 -6.62 -14.43 -12.90
C VAL B 231 -6.87 -13.01 -13.44
N GLN B 232 -7.98 -12.82 -14.16
CA GLN B 232 -8.31 -11.51 -14.70
C GLN B 232 -8.38 -10.46 -13.59
N SER B 233 -8.98 -10.84 -12.45
CA SER B 233 -9.17 -9.94 -11.33
C SER B 233 -7.82 -9.55 -10.72
N ASN B 234 -6.92 -10.52 -10.67
CA ASN B 234 -5.59 -10.28 -10.11
C ASN B 234 -4.66 -9.56 -11.09
N LEU B 235 -4.92 -9.72 -12.40
CA LEU B 235 -4.21 -8.96 -13.45
C LEU B 235 -4.61 -7.49 -13.45
N LYS B 236 -5.88 -7.23 -13.19
CA LYS B 236 -6.47 -5.88 -13.37
C LYS B 236 -7.34 -5.48 -12.20
N PRO B 237 -6.73 -5.26 -11.02
CA PRO B 237 -7.55 -5.00 -9.84
C PRO B 237 -8.32 -3.68 -9.91
N LEU B 238 -7.82 -2.70 -10.65
CA LEU B 238 -8.50 -1.42 -10.70
C LEU B 238 -9.84 -1.50 -11.44
N ASP B 239 -10.10 -2.62 -12.10
CA ASP B 239 -11.40 -2.75 -12.77
C ASP B 239 -12.46 -3.25 -11.79
N ILE B 240 -12.03 -3.66 -10.61
CA ILE B 240 -12.95 -4.19 -9.60
C ILE B 240 -13.68 -3.03 -8.88
N ASN B 241 -15.00 -3.06 -8.85
CA ASN B 241 -15.78 -1.95 -8.30
C ASN B 241 -15.75 -1.84 -6.78
N GLU B 242 -15.64 -2.98 -6.11
CA GLU B 242 -15.58 -3.02 -4.65
C GLU B 242 -14.22 -2.54 -4.21
N LYS B 243 -14.16 -1.34 -3.64
CA LYS B 243 -12.90 -0.68 -3.35
C LYS B 243 -11.99 -1.48 -2.41
N THR B 244 -12.55 -2.07 -1.36
CA THR B 244 -11.69 -2.78 -0.42
C THR B 244 -11.13 -4.05 -1.07
N LEU B 245 -11.85 -4.62 -2.04
CA LEU B 245 -11.38 -5.84 -2.69
C LEU B 245 -10.31 -5.49 -3.73
N GLN B 246 -10.51 -4.40 -4.44
CA GLN B 246 -9.54 -3.85 -5.37
C GLN B 246 -8.21 -3.65 -4.61
N GLN B 247 -8.30 -3.01 -3.45
CA GLN B 247 -7.13 -2.77 -2.63
C GLN B 247 -6.53 -4.07 -2.09
N GLY B 248 -7.39 -4.99 -1.66
CA GLY B 248 -6.92 -6.25 -1.12
C GLY B 248 -6.10 -7.06 -2.11
N ILE B 249 -6.54 -7.07 -3.36
CA ILE B 249 -5.80 -7.73 -4.43
C ILE B 249 -4.41 -7.11 -4.60
N GLN B 250 -4.33 -5.79 -4.58
CA GLN B 250 -3.06 -5.12 -4.67
C GLN B 250 -2.15 -5.46 -3.49
N LEU B 251 -2.69 -5.43 -2.26
CA LEU B 251 -1.89 -5.76 -1.08
C LEU B 251 -1.34 -7.20 -1.11
N ALA B 252 -2.08 -8.12 -1.73
CA ALA B 252 -1.64 -9.51 -1.80
C ALA B 252 -0.45 -9.69 -2.75
N GLN B 253 -0.26 -8.74 -3.67
CA GLN B 253 0.89 -8.75 -4.58
C GLN B 253 2.00 -7.80 -4.14
N SER B 254 1.85 -7.15 -3.00
CA SER B 254 2.95 -6.35 -2.49
C SER B 254 4.11 -7.26 -2.08
N ARG B 255 5.33 -6.73 -2.14
CA ARG B 255 6.52 -7.51 -1.84
C ARG B 255 6.98 -7.26 -0.39
N TYR B 256 6.79 -8.27 0.46
CA TYR B 256 7.05 -8.13 1.89
C TYR B 256 8.44 -8.63 2.31
N TRP B 257 8.89 -9.70 1.65
CA TRP B 257 10.15 -10.35 1.95
C TRP B 257 10.76 -10.77 0.64
N GLN B 258 12.09 -10.82 0.60
CA GLN B 258 12.80 -11.39 -0.54
C GLN B 258 13.65 -12.57 -0.10
N THR B 259 13.60 -13.64 -0.89
CA THR B 259 14.58 -14.73 -0.76
C THR B 259 15.04 -15.08 -2.16
N GLY B 260 16.35 -14.98 -2.40
CA GLY B 260 16.85 -15.19 -3.74
C GLY B 260 16.18 -14.20 -4.70
N ASP B 261 15.60 -14.70 -5.77
CA ASP B 261 14.96 -13.82 -6.74
C ASP B 261 13.45 -13.80 -6.59
N MET B 262 12.96 -14.34 -5.45
CA MET B 262 11.54 -14.48 -5.17
CA MET B 262 11.53 -14.39 -5.24
C MET B 262 11.10 -13.47 -4.12
N TYR B 263 9.90 -12.94 -4.29
CA TYR B 263 9.29 -12.06 -3.30
C TYR B 263 8.01 -12.67 -2.80
N GLN B 264 7.82 -12.63 -1.48
CA GLN B 264 6.63 -13.21 -0.86
C GLN B 264 5.54 -12.14 -0.72
N GLY B 265 4.38 -12.41 -1.31
CA GLY B 265 3.19 -11.59 -1.10
C GLY B 265 2.26 -12.25 -0.08
N LEU B 266 0.96 -11.93 -0.15
CA LEU B 266 0.00 -12.64 0.70
C LEU B 266 -0.61 -13.76 -0.16
N GLY B 267 -0.14 -14.99 0.05
CA GLY B 267 -0.52 -16.10 -0.81
C GLY B 267 0.27 -16.14 -2.12
N TRP B 268 0.15 -15.10 -2.92
CA TRP B 268 0.92 -15.01 -4.16
C TRP B 268 2.42 -14.93 -3.90
N GLU B 269 3.22 -15.44 -4.86
CA GLU B 269 4.67 -15.24 -4.86
C GLU B 269 5.00 -14.55 -6.17
N MET B 270 6.05 -13.72 -6.17
CA MET B 270 6.33 -12.84 -7.32
C MET B 270 7.82 -12.83 -7.64
N LEU B 271 8.14 -12.71 -8.92
CA LEU B 271 9.52 -12.48 -9.37
C LEU B 271 9.48 -11.37 -10.40
N ASP B 272 10.58 -10.63 -10.57
CA ASP B 272 10.63 -9.65 -11.65
C ASP B 272 10.50 -10.31 -13.01
N TRP B 273 9.75 -9.68 -13.92
CA TRP B 273 9.71 -10.09 -15.32
C TRP B 273 10.63 -9.18 -16.11
N PRO B 274 11.44 -9.74 -17.03
CA PRO B 274 11.48 -11.17 -17.41
C PRO B 274 12.14 -12.02 -16.33
N VAL B 275 11.66 -13.25 -16.20
CA VAL B 275 12.19 -14.19 -15.23
C VAL B 275 13.21 -15.11 -15.87
N ASN B 276 14.07 -15.68 -15.03
CA ASN B 276 14.91 -16.78 -15.42
C ASN B 276 14.07 -18.06 -15.26
N PRO B 277 13.72 -18.74 -16.39
CA PRO B 277 12.81 -19.88 -16.24
C PRO B 277 13.38 -21.00 -15.37
N ASP B 278 14.70 -21.21 -15.40
CA ASP B 278 15.28 -22.24 -14.57
C ASP B 278 14.97 -21.97 -13.10
N SER B 279 15.00 -20.70 -12.75
CA SER B 279 14.74 -20.29 -11.39
C SER B 279 13.33 -20.69 -10.91
N ILE B 280 12.31 -20.38 -11.69
CA ILE B 280 10.95 -20.72 -11.28
C ILE B 280 10.68 -22.22 -11.44
N ILE B 281 11.23 -22.84 -12.46
CA ILE B 281 11.00 -24.25 -12.65
C ILE B 281 11.69 -25.07 -11.55
N ASN B 282 13.00 -24.90 -11.41
CA ASN B 282 13.72 -25.57 -10.32
C ASN B 282 13.23 -25.16 -8.94
N GLY B 283 12.90 -23.89 -8.78
CA GLY B 283 12.48 -23.40 -7.48
C GLY B 283 11.16 -23.97 -7.02
N SER B 284 10.38 -24.49 -7.97
CA SER B 284 9.03 -25.00 -7.65
C SER B 284 9.08 -26.41 -7.08
N ASP B 285 10.22 -27.08 -7.27
CA ASP B 285 10.37 -28.42 -6.70
C ASP B 285 10.24 -28.31 -5.19
N ASN B 286 9.48 -29.23 -4.59
CA ASN B 286 9.23 -29.20 -3.16
C ASN B 286 10.48 -29.26 -2.31
N LYS B 287 11.57 -29.85 -2.83
CA LYS B 287 12.80 -29.91 -2.05
C LYS B 287 13.36 -28.51 -1.77
N ILE B 288 13.05 -27.57 -2.66
CA ILE B 288 13.37 -26.15 -2.44
C ILE B 288 12.17 -25.39 -1.87
N ALA B 289 11.00 -25.54 -2.50
CA ALA B 289 9.82 -24.75 -2.14
C ALA B 289 9.36 -24.93 -0.69
N LEU B 290 9.62 -26.11 -0.12
CA LEU B 290 9.20 -26.39 1.25
C LEU B 290 10.35 -26.30 2.26
N ALA B 291 11.52 -25.87 1.80
CA ALA B 291 12.69 -25.75 2.70
C ALA B 291 12.79 -24.34 3.29
N ALA B 292 13.39 -24.24 4.48
CA ALA B 292 13.61 -22.93 5.09
C ALA B 292 14.61 -22.09 4.29
N ARG B 293 14.29 -20.82 4.10
CA ARG B 293 15.23 -19.89 3.46
C ARG B 293 15.26 -18.59 4.26
N PRO B 294 16.46 -17.99 4.39
CA PRO B 294 16.54 -16.70 5.09
C PRO B 294 15.89 -15.60 4.25
N VAL B 295 15.16 -14.71 4.92
CA VAL B 295 14.48 -13.64 4.22
C VAL B 295 15.06 -12.29 4.56
N LYS B 296 15.04 -11.40 3.57
CA LYS B 296 15.37 -10.01 3.78
C LYS B 296 14.04 -9.24 3.82
N ALA B 297 13.84 -8.47 4.87
CA ALA B 297 12.63 -7.68 4.95
C ALA B 297 12.70 -6.56 3.94
N ILE B 298 11.59 -6.33 3.25
CA ILE B 298 11.51 -5.19 2.36
CA ILE B 298 11.49 -5.20 2.34
C ILE B 298 10.83 -4.07 3.14
N THR B 299 11.62 -3.07 3.49
CA THR B 299 11.22 -2.09 4.50
CA THR B 299 11.22 -2.09 4.50
C THR B 299 11.19 -0.69 3.92
N PRO B 300 10.01 -0.21 3.56
CA PRO B 300 8.68 -0.82 3.66
C PRO B 300 8.36 -1.65 2.43
N PRO B 301 7.30 -2.45 2.47
CA PRO B 301 7.01 -3.33 1.34
C PRO B 301 6.79 -2.55 0.05
N THR B 302 7.19 -3.13 -1.07
CA THR B 302 7.01 -2.52 -2.37
C THR B 302 5.59 -2.78 -2.88
N PRO B 303 4.89 -1.75 -3.36
CA PRO B 303 3.54 -2.01 -3.90
C PRO B 303 3.66 -2.93 -5.11
N ALA B 304 2.57 -3.63 -5.42
CA ALA B 304 2.52 -4.59 -6.52
C ALA B 304 3.22 -4.08 -7.79
N VAL B 305 4.20 -4.85 -8.25
CA VAL B 305 4.96 -4.48 -9.44
C VAL B 305 4.32 -5.10 -10.68
N ARG B 306 3.92 -4.27 -11.64
CA ARG B 306 3.21 -4.75 -12.83
CA ARG B 306 3.22 -4.74 -12.83
C ARG B 306 4.09 -5.71 -13.64
N ALA B 307 5.37 -5.39 -13.76
CA ALA B 307 6.30 -6.24 -14.50
C ALA B 307 6.79 -7.39 -13.62
N SER B 308 5.87 -8.28 -13.26
CA SER B 308 6.20 -9.45 -12.42
C SER B 308 5.64 -10.69 -13.05
N TRP B 309 6.33 -11.81 -12.79
CA TRP B 309 5.74 -13.14 -12.88
C TRP B 309 5.12 -13.43 -11.51
N VAL B 310 3.79 -13.54 -11.47
CA VAL B 310 3.09 -13.76 -10.21
C VAL B 310 2.49 -15.15 -10.30
N HIS B 311 2.69 -15.97 -9.27
CA HIS B 311 2.28 -17.37 -9.42
C HIS B 311 2.07 -18.12 -8.11
N LYS B 312 1.45 -19.29 -8.23
CA LYS B 312 1.26 -20.18 -7.08
C LYS B 312 0.99 -21.60 -7.56
N THR B 313 1.76 -22.55 -7.03
CA THR B 313 1.46 -23.97 -7.22
C THR B 313 0.51 -24.45 -6.12
N GLY B 314 -0.23 -25.52 -6.40
CA GLY B 314 -1.03 -26.13 -5.35
C GLY B 314 -1.37 -27.57 -5.66
N ALA B 315 -1.51 -28.38 -4.63
CA ALA B 315 -1.84 -29.79 -4.82
C ALA B 315 -2.66 -30.31 -3.67
N THR B 316 -3.44 -31.35 -3.93
CA THR B 316 -3.99 -32.17 -2.86
C THR B 316 -3.58 -33.59 -3.20
N GLY B 317 -4.07 -34.56 -2.45
CA GLY B 317 -3.71 -35.94 -2.72
C GLY B 317 -3.98 -36.35 -4.16
N GLY B 318 -5.11 -35.88 -4.70
CA GLY B 318 -5.54 -36.28 -6.04
C GLY B 318 -5.52 -35.18 -7.09
N PHE B 319 -5.01 -33.99 -6.77
CA PHE B 319 -5.09 -32.87 -7.72
C PHE B 319 -3.78 -32.09 -7.76
N GLY B 320 -3.51 -31.44 -8.89
CA GLY B 320 -2.34 -30.62 -9.08
C GLY B 320 -2.73 -29.39 -9.89
N SER B 321 -2.47 -28.20 -9.34
CA SER B 321 -2.90 -26.95 -9.96
CA SER B 321 -2.89 -26.96 -10.00
C SER B 321 -1.74 -25.96 -10.07
N TYR B 322 -1.86 -25.01 -10.99
CA TYR B 322 -0.88 -23.93 -11.12
C TYR B 322 -1.52 -22.72 -11.75
N VAL B 323 -1.17 -21.54 -11.23
CA VAL B 323 -1.63 -20.28 -11.80
C VAL B 323 -0.43 -19.37 -11.92
N ALA B 324 -0.30 -18.69 -13.04
CA ALA B 324 0.77 -17.72 -13.25
C ALA B 324 0.26 -16.60 -14.15
N PHE B 325 0.68 -15.37 -13.88
CA PHE B 325 0.26 -14.27 -14.71
C PHE B 325 1.28 -13.14 -14.64
N ILE B 326 1.23 -12.26 -15.65
CA ILE B 326 2.15 -11.14 -15.76
C ILE B 326 1.31 -9.89 -15.98
N PRO B 327 1.10 -9.08 -14.93
CA PRO B 327 0.14 -7.96 -15.06
C PRO B 327 0.44 -7.02 -16.22
N GLU B 328 1.72 -6.67 -16.40
CA GLU B 328 2.09 -5.71 -17.44
CA GLU B 328 2.13 -5.72 -17.44
C GLU B 328 1.71 -6.19 -18.84
N LYS B 329 1.62 -7.50 -19.04
CA LYS B 329 1.37 -8.08 -20.35
C LYS B 329 -0.08 -8.53 -20.54
N GLU B 330 -0.89 -8.39 -19.48
CA GLU B 330 -2.30 -8.79 -19.51
C GLU B 330 -2.43 -10.27 -19.89
N LEU B 331 -1.50 -11.06 -19.36
CA LEU B 331 -1.27 -12.41 -19.83
C LEU B 331 -1.24 -13.36 -18.63
N GLY B 332 -1.92 -14.51 -18.74
CA GLY B 332 -1.85 -15.47 -17.66
C GLY B 332 -2.33 -16.85 -18.06
N ILE B 333 -2.20 -17.80 -17.13
CA ILE B 333 -2.59 -19.18 -17.39
C ILE B 333 -3.05 -19.84 -16.10
N VAL B 334 -4.04 -20.71 -16.25
CA VAL B 334 -4.50 -21.58 -15.16
C VAL B 334 -4.44 -23.01 -15.67
N MET B 335 -3.84 -23.90 -14.88
CA MET B 335 -3.76 -25.30 -15.24
C MET B 335 -4.32 -26.11 -14.08
N LEU B 336 -5.45 -26.79 -14.31
CA LEU B 336 -6.09 -27.64 -13.29
C LEU B 336 -6.11 -29.09 -13.75
N ALA B 337 -5.58 -29.97 -12.91
CA ALA B 337 -5.54 -31.40 -13.24
C ALA B 337 -6.00 -32.23 -12.07
N ASN B 338 -6.67 -33.34 -12.37
CA ASN B 338 -7.07 -34.25 -11.28
C ASN B 338 -6.08 -35.38 -11.07
N LYS B 339 -4.80 -35.03 -11.11
CA LYS B 339 -3.72 -35.86 -10.58
C LYS B 339 -2.66 -34.90 -10.04
N ASN B 340 -2.08 -35.23 -8.89
CA ASN B 340 -0.92 -34.50 -8.36
C ASN B 340 0.38 -34.94 -9.06
N TYR B 341 0.82 -34.12 -10.00
CA TYR B 341 2.02 -34.41 -10.79
C TYR B 341 3.06 -33.31 -10.49
N PRO B 342 4.36 -33.57 -10.73
CA PRO B 342 5.42 -32.71 -10.17
C PRO B 342 5.32 -31.25 -10.55
N ASN B 343 5.53 -30.38 -9.55
CA ASN B 343 5.51 -28.94 -9.78
C ASN B 343 6.35 -28.46 -10.95
N PRO B 344 7.61 -28.95 -11.09
CA PRO B 344 8.44 -28.37 -12.16
C PRO B 344 7.85 -28.60 -13.55
N ALA B 345 7.15 -29.71 -13.73
CA ALA B 345 6.50 -29.99 -15.01
C ALA B 345 5.37 -28.97 -15.27
N ARG B 346 4.65 -28.56 -14.22
CA ARG B 346 3.59 -27.54 -14.37
C ARG B 346 4.21 -26.20 -14.78
N VAL B 347 5.26 -25.81 -14.06
CA VAL B 347 5.88 -24.50 -14.26
C VAL B 347 6.55 -24.42 -15.64
N ASP B 348 7.21 -25.50 -16.04
CA ASP B 348 7.84 -25.56 -17.33
C ASP B 348 6.82 -25.35 -18.47
N ALA B 349 5.68 -26.04 -18.40
CA ALA B 349 4.65 -25.92 -19.42
C ALA B 349 4.07 -24.52 -19.43
N ALA B 350 3.80 -23.95 -18.25
CA ALA B 350 3.25 -22.60 -18.17
C ALA B 350 4.23 -21.61 -18.79
N TRP B 351 5.51 -21.79 -18.51
CA TRP B 351 6.54 -20.93 -19.07
C TRP B 351 6.61 -21.03 -20.58
N GLN B 352 6.57 -22.25 -21.10
CA GLN B 352 6.59 -22.38 -22.57
C GLN B 352 5.43 -21.64 -23.20
N ILE B 353 4.26 -21.72 -22.58
CA ILE B 353 3.08 -21.10 -23.16
C ILE B 353 3.16 -19.59 -23.04
N LEU B 354 3.43 -19.08 -21.83
CA LEU B 354 3.41 -17.63 -21.65
C LEU B 354 4.58 -16.95 -22.38
N ASN B 355 5.75 -17.59 -22.39
CA ASN B 355 6.90 -17.02 -23.08
C ASN B 355 6.66 -16.90 -24.58
N ALA B 356 5.91 -17.86 -25.13
CA ALA B 356 5.58 -17.82 -26.56
C ALA B 356 4.62 -16.68 -26.87
N LEU B 357 3.73 -16.38 -25.92
CA LEU B 357 2.66 -15.42 -26.20
C LEU B 357 3.02 -14.00 -25.80
N GLN B 358 4.07 -13.85 -24.99
CA GLN B 358 4.45 -12.54 -24.45
C GLN B 358 5.01 -11.63 -25.54
P PO4 C . -6.89 32.51 -15.34
O1 PO4 C . -6.91 33.50 -16.47
O2 PO4 C . -5.57 32.64 -14.59
O3 PO4 C . -7.03 31.12 -15.95
O4 PO4 C . -8.09 32.73 -14.43
P PO4 D . 21.44 15.52 -5.80
O1 PO4 D . 22.88 15.95 -5.95
O2 PO4 D . 21.31 14.10 -6.27
O3 PO4 D . 20.55 16.40 -6.65
O4 PO4 D . 20.95 15.63 -4.38
P PO4 E . -16.10 37.01 1.70
O1 PO4 E . -15.92 36.45 0.29
O2 PO4 E . -15.25 38.25 1.87
O3 PO4 E . -17.59 37.35 1.84
O4 PO4 E . -15.79 35.87 2.69
C01 4A1 F . -3.82 -30.90 1.18
C02 4A1 F . -4.06 -32.00 2.21
C1 4A1 F . 1.14 -28.53 -0.79
N1 4A1 F . -1.13 -28.87 -0.21
O1 4A1 F . -0.46 -27.63 -2.29
S1 4A1 F . -2.46 -28.61 0.68
C2 4A1 F . 0.21 -28.92 0.17
O2 4A1 F . 1.58 -28.16 -3.04
C3 4A1 F . 0.67 -29.33 1.41
O3 4A1 F . -2.10 -27.50 1.47
C4 4A1 F . 2.00 -29.36 1.69
O4 4A1 F . -3.53 -28.56 -0.24
C5 4A1 F . 2.93 -28.96 0.75
C6 4A1 F . 2.49 -28.56 -0.47
C7 4A1 F . 0.66 -28.06 -2.11
C8 4A1 F . -2.63 -30.04 1.66
#